data_1S9R
#
_entry.id   1S9R
#
_cell.length_a   76.830
_cell.length_b   76.360
_cell.length_c   82.850
_cell.angle_alpha   90.00
_cell.angle_beta   107.96
_cell.angle_gamma   90.00
#
_symmetry.space_group_name_H-M   'P 1 21 1'
#
loop_
_entity.id
_entity.type
_entity.pdbx_description
1 polymer 'Arginine deiminase'
2 non-polymer ARGININE
3 non-polymer 2-AMINO-2-HYDROXYMETHYL-PROPANE-1,3-DIOL
4 non-polymer 'UNKNOWN ATOM OR ION'
5 water water
#
_entity_poly.entity_id   1
_entity_poly.type   'polypeptide(L)'
_entity_poly.pdbx_seq_one_letter_code
;MSVFDSKFKGIHVYSEIGELESVLVHEPGREIDYITPARLDELLFSAILESHDARKEHKQFVAELKANDINVVELIDLVA
ETYDLASQEAKDKLIEEFLEDSEPVLSEEHKVVVRNFLKAKKTSRELVEIMMAGITKYDLGIEADHELIVDPMPNLYFTR
DPFASVGNGVTIHYMRYKVRQRETLFSRFVFSNHPKLINTPWYYDPSLKLSIEGGDVFIYNNDTLVVGVSERTDLQTVTL
LAKNIVANKECEFKRIVAINVPKWTNLMHLDTWLTMLDKDKFLYSPIANDVFKFWDYDLVNGGAEPQPVENGLPLEGLLQ
SIINKKPVLIPIAGEGASQMEIERETHFDGTNYLAIRPGVVIGYSRNEKTNAALEAAGIKVLPFHGNQLSLGMGNARCMS
MPLSRKDVKW
;
_entity_poly.pdbx_strand_id   A,B
#
loop_
_chem_comp.id
_chem_comp.type
_chem_comp.name
_chem_comp.formula
TRS non-polymer 2-AMINO-2-HYDROXYMETHYL-PROPANE-1,3-DIOL 'C4 H12 N O3 1'
UNX non-polymer 'UNKNOWN ATOM OR ION' ?
#
# COMPACT_ATOMS: atom_id res chain seq x y z
N SER A 2 -1.20 9.75 36.24
CA SER A 2 0.00 9.54 35.38
C SER A 2 -0.29 8.53 34.29
N VAL A 3 0.51 8.59 33.23
CA VAL A 3 0.37 7.61 32.17
C VAL A 3 0.86 6.28 32.76
N PHE A 4 1.69 6.34 33.82
CA PHE A 4 2.18 5.09 34.40
C PHE A 4 1.21 4.63 35.49
N ASP A 5 0.88 3.34 35.50
CA ASP A 5 -0.01 2.81 36.52
C ASP A 5 0.75 2.73 37.86
N SER A 6 0.01 2.44 38.92
CA SER A 6 0.55 2.38 40.27
C SER A 6 1.79 1.51 40.49
N LYS A 7 1.80 0.32 39.90
CA LYS A 7 2.93 -0.60 40.10
C LYS A 7 4.22 -0.31 39.33
N PHE A 8 4.13 0.48 38.27
CA PHE A 8 5.34 0.76 37.51
C PHE A 8 6.40 1.35 38.42
N LYS A 9 7.54 0.69 38.48
CA LYS A 9 8.63 1.18 39.31
C LYS A 9 9.96 1.15 38.57
N GLY A 10 9.92 1.46 37.27
CA GLY A 10 11.14 1.54 36.48
C GLY A 10 11.22 0.50 35.37
N ILE A 11 12.21 0.68 34.50
CA ILE A 11 12.42 -0.24 33.38
C ILE A 11 12.75 -1.62 33.96
N HIS A 12 12.09 -2.65 33.43
CA HIS A 12 12.32 -4.01 33.93
C HIS A 12 12.01 -4.98 32.80
N VAL A 13 12.94 -5.10 31.84
CA VAL A 13 12.70 -5.98 30.68
C VAL A 13 13.87 -6.95 30.54
N TYR A 14 13.69 -8.19 31.03
CA TYR A 14 14.76 -9.17 31.07
C TYR A 14 14.42 -10.36 30.17
N SER A 15 13.43 -10.19 29.28
CA SER A 15 13.08 -11.27 28.36
C SER A 15 12.25 -10.67 27.21
N GLU A 16 11.92 -11.50 26.21
CA GLU A 16 11.08 -11.06 25.09
C GLU A 16 9.65 -11.53 25.30
N ILE A 17 9.44 -12.30 26.38
CA ILE A 17 8.16 -13.01 26.50
C ILE A 17 7.46 -12.92 27.86
N GLY A 18 8.12 -12.36 28.88
CA GLY A 18 7.49 -12.28 30.20
C GLY A 18 6.20 -11.50 30.12
N GLU A 19 5.25 -11.80 31.02
CA GLU A 19 3.94 -11.13 30.98
C GLU A 19 4.13 -9.63 30.94
N LEU A 20 3.59 -9.01 29.89
CA LEU A 20 3.81 -7.60 29.68
C LEU A 20 3.04 -6.76 30.69
N GLU A 21 3.74 -5.84 31.33
CA GLU A 21 3.08 -4.97 32.34
C GLU A 21 2.85 -3.55 31.87
N SER A 22 3.87 -2.91 31.30
CA SER A 22 3.75 -1.54 30.76
C SER A 22 4.46 -1.54 29.40
N VAL A 23 3.92 -0.78 28.43
CA VAL A 23 4.48 -0.79 27.08
C VAL A 23 4.26 0.58 26.46
N LEU A 24 5.23 1.05 25.68
CA LEU A 24 5.11 2.36 25.04
C LEU A 24 4.67 2.20 23.57
N VAL A 25 3.66 2.97 23.19
CA VAL A 25 3.16 2.98 21.82
C VAL A 25 2.98 4.42 21.38
N HIS A 26 2.67 4.62 20.11
CA HIS A 26 2.30 5.95 19.61
C HIS A 26 1.34 5.81 18.47
N GLU A 27 0.13 6.34 18.62
CA GLU A 27 -0.86 6.35 17.55
C GLU A 27 -0.34 7.39 16.54
N PRO A 28 -0.29 7.03 15.24
CA PRO A 28 0.22 8.01 14.27
C PRO A 28 -0.65 9.22 14.22
N GLY A 29 0.00 10.37 14.39
CA GLY A 29 -0.70 11.65 14.40
C GLY A 29 -0.65 12.29 13.03
N ARG A 30 -0.71 13.62 13.01
CA ARG A 30 -0.71 14.38 11.77
C ARG A 30 0.57 14.16 10.94
N GLU A 31 1.63 13.65 11.57
CA GLU A 31 2.86 13.42 10.80
C GLU A 31 2.65 12.49 9.60
N ILE A 32 1.74 11.53 9.69
CA ILE A 32 1.57 10.68 8.51
C ILE A 32 0.72 11.33 7.40
N ASP A 33 0.11 12.47 7.67
CA ASP A 33 -0.67 13.16 6.64
C ASP A 33 0.24 13.90 5.68
N TYR A 34 1.54 13.96 6.00
CA TYR A 34 2.48 14.72 5.17
C TYR A 34 3.39 13.82 4.34
N ILE A 35 3.06 12.53 4.32
CA ILE A 35 3.78 11.59 3.48
C ILE A 35 3.27 11.81 2.03
N THR A 36 4.15 12.20 1.09
CA THR A 36 3.74 12.40 -0.31
C THR A 36 4.33 11.31 -1.19
N PRO A 37 3.76 11.12 -2.38
CA PRO A 37 4.25 10.07 -3.27
C PRO A 37 5.73 10.10 -3.59
N ALA A 38 6.23 11.30 -3.86
CA ALA A 38 7.64 11.43 -4.25
C ALA A 38 8.63 11.17 -3.13
N ARG A 39 8.17 11.26 -1.88
CA ARG A 39 9.07 11.08 -0.73
C ARG A 39 8.94 9.74 0.01
N LEU A 40 8.32 8.73 -0.61
CA LEU A 40 8.13 7.46 0.08
C LEU A 40 9.43 6.82 0.49
N ASP A 41 10.40 6.75 -0.43
CA ASP A 41 11.64 6.11 -0.04
C ASP A 41 12.39 6.90 1.06
N GLU A 42 12.40 8.23 0.95
CA GLU A 42 13.07 9.05 1.91
C GLU A 42 12.44 8.93 3.29
N LEU A 43 11.11 8.89 3.32
CA LEU A 43 10.42 8.83 4.58
C LEU A 43 10.25 7.46 5.18
N LEU A 44 10.69 6.44 4.45
CA LEU A 44 10.70 5.03 4.88
C LEU A 44 9.34 4.32 4.88
N PHE A 45 8.52 4.63 3.87
CA PHE A 45 7.22 3.97 3.75
C PHE A 45 7.09 3.23 2.41
N SER A 46 6.37 2.09 2.41
CA SER A 46 6.19 1.33 1.15
C SER A 46 5.11 1.94 0.27
N ALA A 47 4.19 2.64 0.94
CA ALA A 47 3.05 3.27 0.26
C ALA A 47 2.46 4.25 1.27
N ILE A 48 1.61 5.14 0.77
CA ILE A 48 0.95 6.11 1.62
C ILE A 48 -0.20 5.46 2.39
N LEU A 49 -0.32 5.81 3.66
CA LEU A 49 -1.38 5.25 4.52
C LEU A 49 -2.67 6.07 4.43
N GLU A 50 -3.80 5.39 4.57
CA GLU A 50 -5.08 6.10 4.70
C GLU A 50 -5.03 6.40 6.21
N SER A 51 -4.86 7.68 6.54
CA SER A 51 -4.62 8.09 7.91
C SER A 51 -5.70 7.77 8.90
N HIS A 52 -6.94 8.07 8.54
CA HIS A 52 -8.03 7.82 9.45
C HIS A 52 -8.12 6.33 9.80
N ASP A 53 -8.04 5.43 8.80
CA ASP A 53 -8.12 4.01 9.02
C ASP A 53 -6.87 3.52 9.79
N ALA A 54 -5.71 4.10 9.52
CA ALA A 54 -4.53 3.65 10.26
C ALA A 54 -4.72 3.92 11.76
N ARG A 55 -5.32 5.08 12.10
CA ARG A 55 -5.51 5.43 13.51
C ARG A 55 -6.53 4.51 14.15
N LYS A 56 -7.58 4.15 13.40
CA LYS A 56 -8.57 3.20 13.94
C LYS A 56 -7.91 1.84 14.18
N GLU A 57 -7.03 1.41 13.26
CA GLU A 57 -6.33 0.13 13.46
C GLU A 57 -5.46 0.20 14.70
N HIS A 58 -4.77 1.32 14.88
CA HIS A 58 -3.93 1.46 16.05
C HIS A 58 -4.71 1.42 17.36
N LYS A 59 -5.91 2.01 17.33
CA LYS A 59 -6.75 1.97 18.53
C LYS A 59 -7.13 0.54 18.82
N GLN A 60 -7.31 -0.28 17.79
CA GLN A 60 -7.67 -1.68 18.02
C GLN A 60 -6.49 -2.45 18.63
N PHE A 61 -5.27 -2.14 18.17
CA PHE A 61 -4.07 -2.75 18.75
C PHE A 61 -4.00 -2.40 20.24
N VAL A 62 -4.14 -1.12 20.57
CA VAL A 62 -4.14 -0.67 21.95
C VAL A 62 -5.28 -1.33 22.74
N ALA A 63 -6.47 -1.45 22.13
CA ALA A 63 -7.59 -2.09 22.86
C ALA A 63 -7.24 -3.52 23.19
N GLU A 64 -6.59 -4.24 22.24
CA GLU A 64 -6.20 -5.63 22.55
C GLU A 64 -5.20 -5.65 23.71
N LEU A 65 -4.21 -4.73 23.72
CA LEU A 65 -3.26 -4.72 24.81
C LEU A 65 -3.97 -4.47 26.16
N LYS A 66 -4.85 -3.50 26.18
CA LYS A 66 -5.52 -3.15 27.45
C LYS A 66 -6.43 -4.28 27.96
N ALA A 67 -6.96 -5.07 27.03
CA ALA A 67 -7.81 -6.22 27.42
C ALA A 67 -7.02 -7.32 28.03
N ASN A 68 -5.69 -7.24 27.91
CA ASN A 68 -4.83 -8.26 28.56
C ASN A 68 -4.12 -7.73 29.80
N ASP A 69 -4.71 -6.71 30.41
CA ASP A 69 -4.23 -6.06 31.63
C ASP A 69 -2.83 -5.46 31.51
N ILE A 70 -2.61 -4.78 30.39
CA ILE A 70 -1.34 -4.13 30.14
C ILE A 70 -1.51 -2.62 30.24
N ASN A 71 -0.58 -1.96 30.95
CA ASN A 71 -0.57 -0.48 31.08
C ASN A 71 0.03 0.07 29.78
N VAL A 72 -0.80 0.64 28.92
CA VAL A 72 -0.32 1.16 27.62
C VAL A 72 -0.07 2.65 27.75
N VAL A 73 1.15 3.09 27.46
CA VAL A 73 1.55 4.50 27.58
C VAL A 73 1.69 5.10 26.19
N GLU A 74 0.95 6.16 25.89
CA GLU A 74 1.07 6.84 24.59
C GLU A 74 2.21 7.82 24.69
N LEU A 75 3.13 7.79 23.70
CA LEU A 75 4.31 8.66 23.71
C LEU A 75 3.95 10.13 23.88
N ILE A 76 2.93 10.63 23.16
CA ILE A 76 2.60 12.03 23.31
C ILE A 76 2.29 12.39 24.75
N ASP A 77 1.48 11.56 25.40
CA ASP A 77 1.09 11.84 26.79
C ASP A 77 2.26 11.71 27.78
N LEU A 78 3.14 10.74 27.52
CA LEU A 78 4.32 10.61 28.34
C LEU A 78 5.23 11.86 28.20
N VAL A 79 5.41 12.37 26.98
CA VAL A 79 6.28 13.53 26.78
C VAL A 79 5.59 14.75 27.41
N ALA A 80 4.28 14.92 27.20
CA ALA A 80 3.62 16.09 27.79
C ALA A 80 3.64 16.07 29.33
N GLU A 81 3.43 14.90 29.91
CA GLU A 81 3.46 14.74 31.37
C GLU A 81 4.84 15.09 31.89
N THR A 82 5.87 14.63 31.18
CA THR A 82 7.23 14.90 31.53
C THR A 82 7.51 16.39 31.42
N TYR A 83 7.03 17.02 30.35
CA TYR A 83 7.30 18.43 30.13
C TYR A 83 6.68 19.26 31.29
N ASP A 84 5.45 18.91 31.67
CA ASP A 84 4.76 19.66 32.74
C ASP A 84 5.48 19.57 34.09
N LEU A 85 6.25 18.51 34.29
CA LEU A 85 6.98 18.36 35.54
C LEU A 85 8.44 18.83 35.43
N ALA A 86 8.92 19.08 34.22
CA ALA A 86 10.34 19.47 34.01
C ALA A 86 10.70 20.90 34.41
N SER A 87 11.98 21.10 34.67
CA SER A 87 12.49 22.43 35.04
C SER A 87 12.34 23.34 33.84
N GLN A 88 12.24 24.65 34.07
CA GLN A 88 12.09 25.57 32.93
C GLN A 88 13.29 25.40 32.01
N GLU A 89 14.47 25.08 32.57
CA GLU A 89 15.66 24.91 31.75
C GLU A 89 15.47 23.74 30.79
N ALA A 90 14.83 22.69 31.27
CA ALA A 90 14.62 21.48 30.44
C ALA A 90 13.55 21.75 29.42
N LYS A 91 12.51 22.49 29.79
CA LYS A 91 11.44 22.81 28.84
C LYS A 91 12.02 23.66 27.72
N ASP A 92 12.88 24.60 28.07
CA ASP A 92 13.46 25.47 27.07
C ASP A 92 14.42 24.76 26.13
N LYS A 93 15.20 23.83 26.67
CA LYS A 93 16.19 23.10 25.91
C LYS A 93 15.53 22.14 24.95
N LEU A 94 14.33 21.68 25.29
CA LEU A 94 13.65 20.74 24.39
C LEU A 94 13.37 21.50 23.09
N ILE A 95 12.89 22.74 23.22
CA ILE A 95 12.60 23.56 22.03
C ILE A 95 13.87 23.86 21.27
N GLU A 96 14.92 24.28 21.96
CA GLU A 96 16.14 24.58 21.22
C GLU A 96 16.73 23.38 20.50
N GLU A 97 16.71 22.19 21.10
CA GLU A 97 17.30 21.03 20.44
C GLU A 97 16.42 20.59 19.28
N PHE A 98 15.12 20.82 19.41
CA PHE A 98 14.19 20.50 18.31
C PHE A 98 14.56 21.39 17.11
N LEU A 99 14.81 22.68 17.36
CA LEU A 99 15.14 23.59 16.24
C LEU A 99 16.52 23.26 15.61
N GLU A 100 17.48 22.95 16.47
CA GLU A 100 18.83 22.62 16.06
C GLU A 100 18.85 21.35 15.23
N ASP A 101 17.95 20.42 15.52
CA ASP A 101 17.97 19.18 14.77
C ASP A 101 16.91 19.08 13.70
N SER A 102 16.32 20.20 13.33
CA SER A 102 15.30 20.21 12.31
C SER A 102 15.80 19.75 10.96
N GLU A 103 14.90 19.11 10.21
CA GLU A 103 15.13 18.80 8.83
C GLU A 103 13.85 19.31 8.17
N PRO A 104 13.95 20.19 7.19
CA PRO A 104 15.19 20.76 6.63
C PRO A 104 15.85 21.67 7.68
N VAL A 105 17.15 21.94 7.50
CA VAL A 105 17.86 22.83 8.40
C VAL A 105 17.20 24.21 8.33
N LEU A 106 16.94 24.80 9.49
CA LEU A 106 16.24 26.09 9.52
C LEU A 106 17.13 27.32 9.30
N SER A 107 16.61 28.25 8.50
CA SER A 107 17.33 29.53 8.29
C SER A 107 17.21 30.23 9.62
N GLU A 108 18.05 31.23 9.90
CA GLU A 108 17.89 31.88 11.19
C GLU A 108 16.52 32.54 11.32
N GLU A 109 16.02 33.12 10.24
CA GLU A 109 14.70 33.74 10.27
C GLU A 109 13.61 32.68 10.61
N HIS A 110 13.65 31.53 9.95
CA HIS A 110 12.63 30.53 10.24
C HIS A 110 12.81 29.97 11.63
N LYS A 111 14.04 29.92 12.13
CA LYS A 111 14.26 29.42 13.47
C LYS A 111 13.52 30.28 14.50
N VAL A 112 13.56 31.59 14.32
CA VAL A 112 12.87 32.48 15.23
C VAL A 112 11.35 32.38 15.11
N VAL A 113 10.85 32.30 13.89
CA VAL A 113 9.41 32.22 13.67
C VAL A 113 8.89 30.89 14.25
N VAL A 114 9.63 29.81 14.05
CA VAL A 114 9.14 28.54 14.60
C VAL A 114 9.22 28.53 16.13
N ARG A 115 10.31 29.06 16.69
CA ARG A 115 10.40 29.12 18.14
C ARG A 115 9.22 29.89 18.69
N ASN A 116 8.89 31.04 18.09
CA ASN A 116 7.78 31.82 18.62
C ASN A 116 6.45 31.07 18.55
N PHE A 117 6.30 30.31 17.47
CA PHE A 117 5.08 29.55 17.23
C PHE A 117 4.96 28.41 18.25
N LEU A 118 6.07 27.76 18.57
CA LEU A 118 6.02 26.70 19.56
C LEU A 118 5.77 27.31 20.94
N LYS A 119 6.39 28.45 21.25
CA LYS A 119 6.16 29.06 22.58
C LYS A 119 4.70 29.48 22.78
N ALA A 120 4.04 29.86 21.70
CA ALA A 120 2.65 30.28 21.79
C ALA A 120 1.64 29.15 21.98
N LYS A 121 2.07 27.89 21.82
CA LYS A 121 1.12 26.79 22.01
C LYS A 121 0.63 26.86 23.45
N LYS A 122 -0.69 26.74 23.60
CA LYS A 122 -1.39 26.84 24.90
C LYS A 122 -1.32 25.67 25.86
N THR A 123 -1.03 24.49 25.35
CA THR A 123 -0.93 23.32 26.22
C THR A 123 0.31 22.51 25.87
N SER A 124 0.87 21.78 26.83
CA SER A 124 2.06 21.02 26.50
C SER A 124 1.71 19.93 25.48
N ARG A 125 0.51 19.37 25.54
CA ARG A 125 0.20 18.31 24.58
C ARG A 125 0.21 18.84 23.14
N GLU A 126 -0.30 20.08 22.94
CA GLU A 126 -0.30 20.67 21.59
C GLU A 126 1.15 20.90 21.17
N LEU A 127 1.98 21.33 22.12
CA LEU A 127 3.38 21.55 21.79
C LEU A 127 4.00 20.23 21.28
N VAL A 128 3.80 19.16 22.03
CA VAL A 128 4.37 17.85 21.64
C VAL A 128 3.79 17.36 20.30
N GLU A 129 2.47 17.49 20.15
CA GLU A 129 1.81 17.06 18.92
C GLU A 129 2.42 17.74 17.70
N ILE A 130 2.61 19.06 17.77
CA ILE A 130 3.16 19.76 16.61
C ILE A 130 4.65 19.44 16.34
N MET A 131 5.43 19.16 17.40
CA MET A 131 6.83 18.81 17.21
C MET A 131 6.91 17.48 16.46
N MET A 132 5.98 16.58 16.78
CA MET A 132 5.92 15.29 16.08
C MET A 132 5.36 15.39 14.67
N ALA A 133 4.34 16.22 14.47
CA ALA A 133 3.65 16.36 13.20
C ALA A 133 4.45 16.97 12.07
N GLY A 134 5.30 17.93 12.41
CA GLY A 134 5.98 18.68 11.36
C GLY A 134 5.21 19.99 11.32
N ILE A 135 5.75 21.01 10.62
CA ILE A 135 5.15 22.34 10.66
C ILE A 135 5.15 22.91 9.26
N THR A 136 4.00 23.38 8.81
CA THR A 136 3.93 23.91 7.46
C THR A 136 3.97 25.43 7.45
N LYS A 137 4.11 25.99 6.25
CA LYS A 137 4.11 27.45 6.12
C LYS A 137 2.70 27.95 6.49
N TYR A 138 1.70 27.10 6.28
CA TYR A 138 0.33 27.43 6.62
C TYR A 138 0.15 27.52 8.13
N ASP A 139 0.78 26.59 8.87
CA ASP A 139 0.68 26.60 10.32
C ASP A 139 1.26 27.93 10.83
N LEU A 140 2.36 28.34 10.23
CA LEU A 140 3.07 29.56 10.65
C LEU A 140 2.50 30.87 10.12
N GLY A 141 1.70 30.77 9.07
CA GLY A 141 1.11 31.97 8.46
C GLY A 141 2.18 32.78 7.74
N ILE A 142 3.13 32.11 7.12
CA ILE A 142 4.18 32.83 6.38
C ILE A 142 4.26 32.37 4.94
N GLU A 143 4.95 33.17 4.13
CA GLU A 143 5.13 32.79 2.74
C GLU A 143 6.47 32.07 2.74
N ALA A 144 6.59 31.04 1.90
CA ALA A 144 7.82 30.26 1.82
C ALA A 144 7.87 29.52 0.49
N ASP A 145 9.08 29.13 0.10
CA ASP A 145 9.28 28.43 -1.16
C ASP A 145 8.76 27.01 -1.07
N HIS A 146 8.76 26.46 0.13
CA HIS A 146 8.33 25.07 0.33
C HIS A 146 7.20 25.01 1.34
N GLU A 147 6.35 23.98 1.26
CA GLU A 147 5.23 23.91 2.22
C GLU A 147 5.67 23.45 3.61
N LEU A 148 6.63 22.52 3.68
CA LEU A 148 7.10 22.07 4.98
C LEU A 148 8.31 22.88 5.45
N ILE A 149 8.13 23.58 6.57
CA ILE A 149 9.20 24.33 7.18
C ILE A 149 10.00 23.39 8.06
N VAL A 150 9.30 22.46 8.73
CA VAL A 150 9.95 21.43 9.54
C VAL A 150 9.24 20.12 9.17
N ASP A 151 10.02 19.13 8.79
CA ASP A 151 9.45 17.84 8.34
C ASP A 151 8.74 17.07 9.43
N PRO A 152 7.83 16.20 9.03
CA PRO A 152 7.11 15.35 10.00
C PRO A 152 8.14 14.31 10.48
N MET A 153 7.82 13.57 11.55
CA MET A 153 8.61 12.40 11.96
C MET A 153 7.52 11.29 11.77
N PRO A 154 7.26 10.91 10.49
CA PRO A 154 6.20 9.93 10.24
C PRO A 154 6.34 8.56 10.82
N ASN A 155 7.56 8.16 11.15
CA ASN A 155 7.75 6.83 11.69
C ASN A 155 7.60 6.72 13.19
N LEU A 156 7.21 7.80 13.86
CA LEU A 156 7.08 7.74 15.32
C LEU A 156 6.21 6.59 15.83
N TYR A 157 5.17 6.18 15.07
CA TYR A 157 4.36 5.07 15.60
C TYR A 157 5.14 3.75 15.76
N PHE A 158 6.35 3.68 15.20
CA PHE A 158 7.18 2.49 15.37
C PHE A 158 8.08 2.75 16.59
N THR A 159 7.48 2.75 17.79
CA THR A 159 8.23 3.04 19.05
C THR A 159 9.28 2.00 19.43
N ARG A 160 9.35 0.87 18.71
CA ARG A 160 10.39 -0.11 18.98
C ARG A 160 11.81 0.44 18.72
N ASP A 161 11.88 1.42 17.82
CA ASP A 161 13.20 1.77 17.32
C ASP A 161 14.09 2.84 17.92
N PRO A 162 13.53 3.95 18.41
CA PRO A 162 14.36 5.02 18.96
C PRO A 162 15.16 4.67 20.22
N PHE A 163 14.59 3.84 21.07
CA PHE A 163 15.31 3.37 22.26
C PHE A 163 14.81 1.99 22.58
N ALA A 164 15.64 1.22 23.27
CA ALA A 164 15.27 -0.13 23.70
C ALA A 164 15.46 -0.33 25.20
N SER A 165 14.48 -0.97 25.84
CA SER A 165 14.62 -1.33 27.25
C SER A 165 15.57 -2.51 27.30
N VAL A 166 16.58 -2.44 28.14
CA VAL A 166 17.59 -3.49 28.22
C VAL A 166 17.84 -3.82 29.70
N GLY A 167 17.11 -4.80 30.20
CA GLY A 167 17.18 -5.13 31.63
C GLY A 167 16.53 -3.98 32.38
N ASN A 168 17.29 -3.30 33.24
CA ASN A 168 16.73 -2.13 33.89
C ASN A 168 17.39 -0.86 33.43
N GLY A 169 18.07 -0.94 32.26
CA GLY A 169 18.72 0.18 31.64
C GLY A 169 18.03 0.36 30.27
N VAL A 170 18.58 1.27 29.49
CA VAL A 170 18.08 1.56 28.15
C VAL A 170 19.19 1.91 27.18
N THR A 171 18.93 1.64 25.90
CA THR A 171 19.84 2.12 24.88
C THR A 171 19.07 3.17 24.10
N ILE A 172 19.58 4.41 24.05
CA ILE A 172 18.91 5.44 23.23
C ILE A 172 19.82 5.55 22.02
N HIS A 173 19.24 5.33 20.85
CA HIS A 173 20.01 5.13 19.63
C HIS A 173 20.45 6.23 18.70
N TYR A 174 21.53 5.96 17.98
CA TYR A 174 21.95 6.86 16.89
C TYR A 174 21.35 6.05 15.73
N MET A 175 20.26 6.56 15.18
CA MET A 175 19.55 5.84 14.13
C MET A 175 20.18 6.01 12.77
N ARG A 176 19.79 5.16 11.82
CA ARG A 176 20.40 5.24 10.51
C ARG A 176 20.10 6.46 9.69
N TYR A 177 18.84 6.85 9.66
CA TYR A 177 18.42 7.97 8.81
C TYR A 177 17.94 9.15 9.64
N LYS A 178 18.20 10.37 9.15
CA LYS A 178 17.82 11.57 9.84
C LYS A 178 16.34 11.66 10.10
N VAL A 179 15.51 11.19 9.17
CA VAL A 179 14.08 11.27 9.37
C VAL A 179 13.65 10.58 10.70
N ARG A 180 14.41 9.57 11.12
CA ARG A 180 14.11 8.90 12.41
C ARG A 180 15.03 9.36 13.53
N GLN A 181 16.27 9.75 13.24
CA GLN A 181 17.13 10.24 14.33
C GLN A 181 16.43 11.31 15.17
N ARG A 182 15.65 12.15 14.48
CA ARG A 182 14.95 13.23 15.16
C ARG A 182 14.01 12.73 16.25
N GLU A 183 13.51 11.49 16.13
CA GLU A 183 12.57 10.96 17.14
C GLU A 183 13.25 10.73 18.50
N THR A 184 14.57 10.58 18.50
CA THR A 184 15.30 10.33 19.76
C THR A 184 15.32 11.51 20.71
N LEU A 185 14.93 12.68 20.20
CA LEU A 185 14.85 13.88 21.02
C LEU A 185 13.89 13.59 22.16
N PHE A 186 12.77 12.94 21.84
CA PHE A 186 11.78 12.61 22.83
C PHE A 186 12.23 11.54 23.82
N SER A 187 12.98 10.57 23.32
CA SER A 187 13.52 9.52 24.17
C SER A 187 14.43 10.12 25.24
N ARG A 188 15.36 10.95 24.78
CA ARG A 188 16.29 11.59 25.73
C ARG A 188 15.50 12.42 26.75
N PHE A 189 14.51 13.15 26.29
CA PHE A 189 13.74 14.00 27.18
C PHE A 189 13.02 13.28 28.29
N VAL A 190 12.32 12.21 27.97
CA VAL A 190 11.58 11.54 29.00
C VAL A 190 12.50 10.81 29.96
N PHE A 191 13.58 10.22 29.47
CA PHE A 191 14.45 9.51 30.40
C PHE A 191 15.27 10.45 31.26
N SER A 192 15.49 11.66 30.78
CA SER A 192 16.31 12.64 31.52
C SER A 192 15.50 13.45 32.52
N ASN A 193 14.18 13.41 32.39
CA ASN A 193 13.33 14.25 33.26
C ASN A 193 12.18 13.62 34.02
N HIS A 194 11.60 12.51 33.55
CA HIS A 194 10.49 11.95 34.26
C HIS A 194 10.98 11.25 35.49
N PRO A 195 10.38 11.57 36.66
CA PRO A 195 10.77 10.97 37.96
C PRO A 195 10.81 9.46 37.95
N LYS A 196 9.92 8.82 37.18
CA LYS A 196 9.93 7.35 37.15
C LYS A 196 10.95 6.71 36.17
N LEU A 197 11.63 7.54 35.38
CA LEU A 197 12.63 7.06 34.43
C LEU A 197 14.03 7.62 34.63
N ILE A 198 14.12 8.71 35.38
CA ILE A 198 15.38 9.40 35.58
C ILE A 198 16.54 8.60 36.16
N ASN A 199 16.28 7.57 36.95
CA ASN A 199 17.41 6.78 37.47
C ASN A 199 17.81 5.63 36.54
N THR A 200 17.20 5.55 35.36
CA THR A 200 17.54 4.45 34.42
C THR A 200 18.92 4.71 33.83
N PRO A 201 19.83 3.72 33.89
CA PRO A 201 21.18 3.93 33.32
C PRO A 201 21.09 3.76 31.80
N TRP A 202 21.87 4.55 31.06
CA TRP A 202 21.91 4.47 29.58
C TRP A 202 23.14 3.68 29.13
N TYR A 203 22.96 2.69 28.26
CA TYR A 203 24.11 1.97 27.76
C TYR A 203 24.52 2.43 26.35
N TYR A 204 23.73 3.32 25.76
CA TYR A 204 24.04 3.91 24.47
C TYR A 204 23.32 5.25 24.40
N ASP A 205 23.85 6.22 23.64
CA ASP A 205 23.14 7.50 23.50
C ASP A 205 23.40 7.96 22.08
N PRO A 206 22.55 8.83 21.53
CA PRO A 206 22.71 9.30 20.15
C PRO A 206 24.02 10.00 19.76
N SER A 207 24.77 10.51 20.73
CA SER A 207 26.01 11.22 20.38
C SER A 207 27.13 10.30 19.93
N LEU A 208 26.94 8.98 20.10
CA LEU A 208 27.98 8.00 19.75
C LEU A 208 28.20 7.79 18.24
N LYS A 209 27.25 8.22 17.44
CA LYS A 209 27.38 8.16 16.01
C LYS A 209 27.64 6.84 15.28
N LEU A 210 27.43 5.70 15.93
CA LEU A 210 27.52 4.39 15.24
C LEU A 210 26.04 3.95 15.24
N SER A 211 25.59 3.45 14.09
CA SER A 211 24.17 3.11 13.87
C SER A 211 23.63 1.87 14.58
N ILE A 212 22.48 2.03 15.25
CA ILE A 212 21.80 0.93 15.93
C ILE A 212 20.35 1.35 16.09
N GLU A 213 19.43 0.39 15.96
CA GLU A 213 18.02 0.70 16.14
C GLU A 213 17.37 -0.42 16.95
N GLY A 214 16.27 -0.08 17.60
CA GLY A 214 15.58 -0.99 18.51
C GLY A 214 15.04 -2.30 17.96
N GLY A 215 14.64 -2.33 16.70
CA GLY A 215 14.16 -3.56 16.08
C GLY A 215 15.24 -4.65 16.07
N ASP A 216 16.47 -4.22 16.20
CA ASP A 216 17.57 -5.14 16.24
C ASP A 216 17.88 -5.69 17.61
N VAL A 217 17.33 -5.07 18.66
CA VAL A 217 17.66 -5.46 20.02
C VAL A 217 16.70 -6.44 20.66
N PHE A 218 17.24 -7.52 21.21
CA PHE A 218 16.41 -8.53 21.85
C PHE A 218 17.01 -8.85 23.22
N ILE A 219 16.15 -9.11 24.20
CA ILE A 219 16.66 -9.49 25.52
C ILE A 219 16.21 -10.96 25.65
N TYR A 220 17.08 -11.93 25.35
CA TYR A 220 16.60 -13.32 25.38
C TYR A 220 16.38 -13.82 26.81
N ASN A 221 17.30 -13.43 27.70
CA ASN A 221 17.15 -13.79 29.11
C ASN A 221 18.06 -12.91 29.99
N ASN A 222 18.22 -13.20 31.29
CA ASN A 222 19.03 -12.33 32.12
C ASN A 222 20.51 -12.29 31.76
N ASP A 223 20.96 -13.33 31.07
CA ASP A 223 22.35 -13.44 30.72
C ASP A 223 22.69 -13.00 29.31
N THR A 224 21.74 -13.22 28.39
CA THR A 224 22.02 -12.99 26.97
C THR A 224 21.20 -11.99 26.18
N LEU A 225 21.92 -11.03 25.57
CA LEU A 225 21.34 -10.05 24.65
C LEU A 225 21.58 -10.57 23.23
N VAL A 226 20.64 -10.29 22.31
CA VAL A 226 20.77 -10.71 20.91
C VAL A 226 20.57 -9.45 20.10
N VAL A 227 21.56 -9.10 19.29
CA VAL A 227 21.48 -7.87 18.49
C VAL A 227 21.71 -8.12 17.03
N GLY A 228 20.83 -7.59 16.20
CA GLY A 228 21.00 -7.83 14.76
C GLY A 228 22.05 -6.93 14.10
N VAL A 229 22.62 -7.46 13.03
CA VAL A 229 23.61 -6.76 12.15
C VAL A 229 22.79 -6.76 10.86
N SER A 230 22.24 -5.59 10.60
CA SER A 230 21.19 -5.37 9.63
C SER A 230 21.39 -4.16 8.79
N GLU A 231 20.33 -3.80 8.07
CA GLU A 231 20.42 -2.63 7.27
C GLU A 231 20.55 -1.39 8.17
N ARG A 232 20.14 -1.53 9.44
CA ARG A 232 20.17 -0.43 10.38
C ARG A 232 21.15 -0.45 11.51
N THR A 233 21.70 -1.62 11.84
CA THR A 233 22.64 -1.73 12.96
C THR A 233 23.89 -2.44 12.48
N ASP A 234 25.03 -1.81 12.74
CA ASP A 234 26.32 -2.33 12.28
C ASP A 234 27.03 -3.12 13.33
N LEU A 235 27.83 -4.10 12.89
CA LEU A 235 28.57 -4.92 13.86
C LEU A 235 29.46 -4.05 14.77
N GLN A 236 30.13 -3.04 14.20
CA GLN A 236 30.96 -2.15 15.01
C GLN A 236 30.17 -1.48 16.12
N THR A 237 28.87 -1.25 15.89
CA THR A 237 28.07 -0.63 16.91
C THR A 237 27.81 -1.60 18.01
N VAL A 238 27.62 -2.88 17.68
CA VAL A 238 27.40 -3.86 18.74
C VAL A 238 28.67 -3.91 19.60
N THR A 239 29.83 -3.81 18.98
CA THR A 239 31.09 -3.82 19.71
C THR A 239 31.19 -2.68 20.70
N LEU A 240 30.71 -1.50 20.30
CA LEU A 240 30.69 -0.34 21.19
C LEU A 240 29.68 -0.57 22.32
N LEU A 241 28.52 -1.15 21.98
CA LEU A 241 27.54 -1.45 23.02
C LEU A 241 28.15 -2.43 24.03
N ALA A 242 28.89 -3.44 23.57
CA ALA A 242 29.51 -4.40 24.50
C ALA A 242 30.46 -3.66 25.45
N LYS A 243 31.29 -2.79 24.89
CA LYS A 243 32.22 -1.99 25.70
C LYS A 243 31.44 -1.17 26.75
N ASN A 244 30.33 -0.55 26.34
CA ASN A 244 29.54 0.25 27.29
C ASN A 244 28.92 -0.61 28.40
N ILE A 245 28.46 -1.81 28.06
CA ILE A 245 27.86 -2.65 29.08
C ILE A 245 28.92 -3.14 30.08
N VAL A 246 30.12 -3.46 29.61
CA VAL A 246 31.17 -3.91 30.54
C VAL A 246 31.55 -2.75 31.48
N ALA A 247 31.55 -1.53 30.95
CA ALA A 247 31.88 -0.37 31.76
C ALA A 247 30.81 -0.09 32.83
N ASN A 248 29.56 -0.50 32.57
CA ASN A 248 28.51 -0.24 33.55
C ASN A 248 28.52 -1.41 34.54
N LYS A 249 29.05 -1.12 35.73
CA LYS A 249 29.19 -2.14 36.74
C LYS A 249 27.93 -2.67 37.37
N GLU A 250 26.78 -2.02 37.11
CA GLU A 250 25.49 -2.49 37.65
C GLU A 250 24.75 -3.39 36.62
N CYS A 251 25.25 -3.43 35.39
CA CYS A 251 24.60 -4.22 34.35
C CYS A 251 25.07 -5.66 34.43
N GLU A 252 24.11 -6.58 34.55
CA GLU A 252 24.42 -8.01 34.72
C GLU A 252 24.38 -8.92 33.51
N PHE A 253 24.16 -8.37 32.33
CA PHE A 253 24.18 -9.26 31.16
C PHE A 253 25.58 -9.82 30.99
N LYS A 254 25.66 -11.04 30.48
CA LYS A 254 26.94 -11.70 30.32
C LYS A 254 27.42 -11.96 28.90
N ARG A 255 26.51 -11.88 27.95
CA ARG A 255 26.85 -12.26 26.59
C ARG A 255 26.00 -11.52 25.58
N ILE A 256 26.57 -11.16 24.44
CA ILE A 256 25.73 -10.60 23.35
C ILE A 256 25.94 -11.54 22.15
N VAL A 257 24.86 -11.99 21.52
CA VAL A 257 25.02 -12.77 20.30
C VAL A 257 24.59 -11.81 19.19
N ALA A 258 25.47 -11.55 18.21
CA ALA A 258 25.14 -10.67 17.08
C ALA A 258 24.70 -11.58 15.94
N ILE A 259 23.56 -11.24 15.30
CA ILE A 259 23.03 -12.11 14.26
C ILE A 259 22.94 -11.32 12.96
N ASN A 260 23.71 -11.75 11.96
CA ASN A 260 23.69 -11.14 10.64
C ASN A 260 22.40 -11.48 9.90
N VAL A 261 21.77 -10.47 9.29
CA VAL A 261 20.57 -10.74 8.53
C VAL A 261 20.62 -10.08 7.14
N PRO A 262 19.71 -10.46 6.24
CA PRO A 262 19.73 -9.80 4.92
C PRO A 262 19.60 -8.28 5.09
N LYS A 263 20.33 -7.50 4.28
CA LYS A 263 20.39 -6.08 4.41
C LYS A 263 19.37 -5.37 3.57
N TRP A 264 18.13 -5.82 3.68
CA TRP A 264 17.08 -5.27 2.84
C TRP A 264 16.46 -3.99 3.36
N THR A 265 16.27 -3.01 2.45
CA THR A 265 15.76 -1.77 2.90
C THR A 265 14.38 -1.87 3.50
N ASN A 266 13.60 -2.86 3.05
CA ASN A 266 12.20 -2.99 3.54
C ASN A 266 12.05 -4.00 4.68
N LEU A 267 13.11 -4.73 5.01
CA LEU A 267 13.12 -5.72 6.11
C LEU A 267 14.43 -5.36 6.80
N MET A 268 14.34 -4.28 7.55
CA MET A 268 15.55 -3.59 7.99
C MET A 268 16.16 -3.86 9.31
N HIS A 269 15.45 -4.68 10.08
CA HIS A 269 15.87 -5.06 11.43
C HIS A 269 15.81 -6.55 11.62
N LEU A 270 16.61 -7.07 12.56
CA LEU A 270 16.57 -8.50 12.89
C LEU A 270 15.15 -9.01 13.18
N ASP A 271 14.32 -8.18 13.83
CA ASP A 271 12.95 -8.62 14.16
C ASP A 271 11.98 -8.74 12.97
N THR A 272 12.52 -8.50 11.76
CA THR A 272 11.76 -8.78 10.53
C THR A 272 12.23 -10.09 9.91
N TRP A 273 13.16 -10.79 10.58
CA TRP A 273 13.72 -12.05 10.12
C TRP A 273 13.67 -13.19 11.17
N LEU A 274 13.76 -12.85 12.46
CA LEU A 274 13.77 -13.85 13.53
C LEU A 274 13.32 -13.26 14.86
N THR A 275 12.29 -13.89 15.45
CA THR A 275 11.82 -13.43 16.76
C THR A 275 11.64 -14.62 17.68
N MET A 276 11.68 -14.31 18.98
CA MET A 276 11.48 -15.36 20.04
C MET A 276 10.11 -15.08 20.65
N LEU A 277 9.24 -16.08 20.62
CA LEU A 277 7.85 -15.89 21.03
C LEU A 277 7.35 -16.74 22.18
N ASP A 278 8.16 -17.71 22.61
CA ASP A 278 7.79 -18.52 23.79
C ASP A 278 9.11 -18.96 24.36
N LYS A 279 9.08 -19.71 25.44
CA LYS A 279 10.34 -20.07 26.09
C LYS A 279 11.31 -20.79 25.18
N ASP A 280 10.78 -21.60 24.26
CA ASP A 280 11.67 -22.28 23.34
C ASP A 280 11.17 -22.23 21.91
N LYS A 281 10.34 -21.26 21.57
CA LYS A 281 9.78 -21.19 20.22
C LYS A 281 10.21 -19.90 19.55
N PHE A 282 10.56 -20.05 18.26
CA PHE A 282 11.08 -18.93 17.49
C PHE A 282 10.41 -18.93 16.11
N LEU A 283 10.25 -17.72 15.56
CA LEU A 283 9.61 -17.54 14.25
C LEU A 283 10.62 -16.90 13.31
N TYR A 284 10.81 -17.49 12.13
CA TYR A 284 11.84 -16.95 11.23
C TYR A 284 11.41 -17.06 9.80
N SER A 285 12.02 -16.24 8.95
CA SER A 285 11.74 -16.37 7.49
C SER A 285 12.87 -17.17 6.84
N PRO A 286 12.53 -18.23 6.11
CA PRO A 286 13.55 -19.07 5.45
C PRO A 286 14.34 -18.30 4.41
N ILE A 287 13.81 -17.17 3.96
CA ILE A 287 14.55 -16.37 2.99
C ILE A 287 15.92 -15.99 3.54
N ALA A 288 16.04 -15.92 4.86
CA ALA A 288 17.33 -15.58 5.47
C ALA A 288 18.28 -16.75 5.72
N ASN A 289 17.86 -17.96 5.37
CA ASN A 289 18.63 -19.17 5.68
C ASN A 289 20.10 -19.13 5.36
N ASP A 290 20.44 -18.71 4.15
CA ASP A 290 21.84 -18.73 3.76
C ASP A 290 22.58 -17.47 4.13
N VAL A 291 21.90 -16.53 4.79
CA VAL A 291 22.51 -15.26 5.21
C VAL A 291 22.83 -15.22 6.69
N PHE A 292 22.03 -15.89 7.53
CA PHE A 292 22.31 -15.88 8.97
C PHE A 292 23.77 -16.27 9.23
N LYS A 293 24.41 -15.50 10.11
CA LYS A 293 25.79 -15.71 10.54
C LYS A 293 25.82 -15.13 11.95
N PHE A 294 26.65 -15.69 12.82
CA PHE A 294 26.64 -15.27 14.22
C PHE A 294 27.98 -14.91 14.80
N TRP A 295 27.96 -14.02 15.79
CA TRP A 295 29.17 -13.67 16.57
C TRP A 295 28.83 -13.59 18.06
N ASP A 296 29.77 -13.98 18.93
CA ASP A 296 29.53 -13.84 20.37
C ASP A 296 30.46 -12.79 20.96
N TYR A 297 29.93 -12.06 21.94
CA TYR A 297 30.70 -11.10 22.75
C TYR A 297 30.65 -11.61 24.21
N ASP A 298 31.80 -11.74 24.86
CA ASP A 298 31.91 -12.18 26.26
C ASP A 298 31.97 -10.94 27.13
N LEU A 299 30.90 -10.70 27.90
CA LEU A 299 30.81 -9.49 28.73
C LEU A 299 31.35 -9.73 30.13
N VAL A 300 31.92 -10.92 30.33
CA VAL A 300 32.46 -11.30 31.64
C VAL A 300 33.98 -11.45 31.61
N ASN A 301 34.47 -12.30 30.73
CA ASN A 301 35.91 -12.53 30.66
C ASN A 301 36.54 -12.11 29.34
N GLY A 302 35.95 -11.13 28.68
CA GLY A 302 36.49 -10.70 27.42
C GLY A 302 37.22 -9.38 27.51
N GLY A 303 37.55 -8.95 28.72
CA GLY A 303 38.23 -7.69 28.89
C GLY A 303 37.29 -6.50 28.80
N ALA A 304 37.87 -5.30 28.81
CA ALA A 304 37.08 -4.06 28.73
C ALA A 304 36.48 -3.78 27.37
N GLU A 305 37.07 -4.37 26.33
CA GLU A 305 36.60 -4.15 24.95
C GLU A 305 36.41 -5.50 24.24
N PRO A 306 35.39 -6.25 24.68
CA PRO A 306 35.17 -7.56 24.04
C PRO A 306 34.96 -7.46 22.52
N GLN A 307 35.58 -8.38 21.80
CA GLN A 307 35.48 -8.38 20.36
C GLN A 307 34.53 -9.46 19.86
N PRO A 308 33.94 -9.26 18.67
CA PRO A 308 33.02 -10.27 18.15
C PRO A 308 33.80 -11.53 17.73
N VAL A 309 33.37 -12.67 18.25
CA VAL A 309 34.00 -13.93 17.90
C VAL A 309 33.02 -14.78 17.12
N GLU A 310 33.39 -15.15 15.90
CA GLU A 310 32.56 -15.98 15.04
C GLU A 310 32.08 -17.23 15.73
N ASN A 311 30.79 -17.51 15.57
CA ASN A 311 30.15 -18.70 16.12
C ASN A 311 29.60 -19.46 14.92
N GLY A 312 30.19 -20.60 14.60
CA GLY A 312 29.78 -21.32 13.41
C GLY A 312 28.67 -22.30 13.50
N LEU A 313 27.98 -22.29 14.63
CA LEU A 313 26.87 -23.20 14.77
C LEU A 313 25.73 -22.83 13.81
N PRO A 314 24.92 -23.81 13.41
CA PRO A 314 23.77 -23.51 12.55
C PRO A 314 22.76 -22.82 13.48
N LEU A 315 21.76 -22.16 12.91
CA LEU A 315 20.77 -21.46 13.74
C LEU A 315 20.20 -22.26 14.91
N GLU A 316 19.78 -23.50 14.64
CA GLU A 316 19.20 -24.34 15.73
C GLU A 316 20.20 -24.48 16.90
N GLY A 317 21.45 -24.79 16.60
CA GLY A 317 22.44 -24.98 17.65
C GLY A 317 22.78 -23.68 18.35
N LEU A 318 22.78 -22.60 17.57
CA LEU A 318 23.09 -21.30 18.15
C LEU A 318 21.99 -20.95 19.15
N LEU A 319 20.73 -21.12 18.76
CA LEU A 319 19.65 -20.80 19.71
C LEU A 319 19.70 -21.72 20.92
N GLN A 320 20.02 -22.98 20.70
CA GLN A 320 20.13 -23.96 21.81
C GLN A 320 21.22 -23.54 22.79
N SER A 321 22.28 -22.89 22.30
CA SER A 321 23.36 -22.45 23.18
C SER A 321 22.97 -21.27 24.06
N ILE A 322 21.84 -20.63 23.73
CA ILE A 322 21.35 -19.52 24.53
C ILE A 322 20.31 -19.99 25.56
N ILE A 323 19.33 -20.78 25.11
CA ILE A 323 18.28 -21.20 26.02
C ILE A 323 18.54 -22.54 26.70
N ASN A 324 19.60 -23.20 26.26
CA ASN A 324 19.99 -24.47 26.84
C ASN A 324 19.00 -25.61 26.72
N LYS A 325 18.31 -25.62 25.59
CA LYS A 325 17.39 -26.69 25.22
C LYS A 325 17.08 -26.54 23.74
N LYS A 326 16.54 -27.57 23.11
CA LYS A 326 16.29 -27.55 21.67
C LYS A 326 15.22 -26.55 21.29
N PRO A 327 15.53 -25.66 20.36
CA PRO A 327 14.50 -24.70 19.97
C PRO A 327 13.52 -25.27 18.97
N VAL A 328 12.33 -24.67 18.94
CA VAL A 328 11.33 -25.03 17.95
C VAL A 328 11.41 -23.82 16.97
N LEU A 329 11.65 -24.11 15.70
CA LEU A 329 11.76 -23.05 14.67
C LEU A 329 10.56 -23.13 13.77
N ILE A 330 9.74 -22.07 13.77
CA ILE A 330 8.52 -22.02 12.98
C ILE A 330 8.78 -21.11 11.78
N PRO A 331 8.58 -21.64 10.57
CA PRO A 331 8.85 -20.81 9.42
C PRO A 331 7.66 -19.98 8.97
N ILE A 332 7.97 -18.80 8.44
CA ILE A 332 6.92 -17.94 7.89
C ILE A 332 6.03 -18.72 6.92
N ALA A 333 4.72 -18.57 7.11
CA ALA A 333 3.71 -19.21 6.28
C ALA A 333 3.51 -20.69 6.47
N GLY A 334 4.29 -21.29 7.38
CA GLY A 334 4.10 -22.70 7.70
C GLY A 334 4.79 -23.66 6.76
N GLU A 335 4.84 -24.92 7.18
CA GLU A 335 5.47 -25.95 6.38
C GLU A 335 4.69 -26.13 5.09
N GLY A 336 5.38 -26.31 3.97
CA GLY A 336 4.66 -26.53 2.73
C GLY A 336 4.22 -25.28 1.98
N ALA A 337 4.45 -24.11 2.56
CA ALA A 337 4.08 -22.89 1.87
C ALA A 337 4.86 -22.73 0.54
N SER A 338 4.26 -22.06 -0.42
CA SER A 338 4.94 -21.81 -1.66
C SER A 338 5.90 -20.65 -1.39
N GLN A 339 6.83 -20.46 -2.33
CA GLN A 339 7.79 -19.39 -2.19
C GLN A 339 7.06 -18.04 -2.30
N MET A 340 6.04 -17.98 -3.14
CA MET A 340 5.27 -16.72 -3.26
C MET A 340 4.66 -16.34 -1.90
N GLU A 341 4.10 -17.33 -1.21
CA GLU A 341 3.50 -17.14 0.11
C GLU A 341 4.57 -16.68 1.12
N ILE A 342 5.75 -17.32 1.10
CA ILE A 342 6.81 -16.94 2.05
C ILE A 342 7.27 -15.53 1.73
N GLU A 343 7.40 -15.21 0.45
CA GLU A 343 7.82 -13.86 0.09
C GLU A 343 6.77 -12.82 0.54
N ARG A 344 5.50 -13.11 0.29
CA ARG A 344 4.45 -12.16 0.67
C ARG A 344 4.33 -11.97 2.17
N GLU A 345 4.31 -13.06 2.93
CA GLU A 345 4.14 -12.88 4.36
C GLU A 345 5.39 -12.37 5.06
N THR A 346 6.57 -12.72 4.52
CA THR A 346 7.78 -12.14 5.09
C THR A 346 7.76 -10.63 4.82
N HIS A 347 7.37 -10.25 3.58
CA HIS A 347 7.32 -8.81 3.25
C HIS A 347 6.45 -8.02 4.22
N PHE A 348 5.30 -8.57 4.57
CA PHE A 348 4.47 -7.87 5.57
C PHE A 348 4.81 -8.16 7.01
N ASP A 349 6.12 -8.27 7.26
CA ASP A 349 6.64 -8.42 8.60
C ASP A 349 6.01 -9.55 9.37
N GLY A 350 5.84 -10.66 8.65
CA GLY A 350 5.26 -11.84 9.27
C GLY A 350 6.07 -12.38 10.44
N THR A 351 7.32 -11.98 10.66
CA THR A 351 7.99 -12.53 11.87
C THR A 351 7.79 -11.62 13.09
N ASN A 352 7.23 -10.43 12.83
CA ASN A 352 7.25 -9.31 13.81
C ASN A 352 6.15 -9.26 14.81
N TYR A 353 5.95 -10.40 15.48
CA TYR A 353 4.88 -10.43 16.48
C TYR A 353 5.40 -9.94 17.83
N LEU A 354 4.48 -9.36 18.62
CA LEU A 354 4.80 -8.93 19.96
C LEU A 354 4.29 -10.04 20.92
N ALA A 355 5.18 -10.62 21.73
CA ALA A 355 4.69 -11.63 22.72
C ALA A 355 4.23 -10.84 23.96
N ILE A 356 3.00 -11.11 24.43
CA ILE A 356 2.50 -10.39 25.61
C ILE A 356 2.60 -11.23 26.88
N ARG A 357 2.88 -12.51 26.68
CA ARG A 357 3.17 -13.47 27.77
C ARG A 357 3.72 -14.66 27.01
N PRO A 358 4.32 -15.61 27.70
CA PRO A 358 4.86 -16.73 26.91
C PRO A 358 3.92 -17.49 26.01
N GLY A 359 4.21 -17.50 24.70
CA GLY A 359 3.35 -18.21 23.79
C GLY A 359 2.02 -17.52 23.50
N VAL A 360 1.91 -16.21 23.72
CA VAL A 360 0.65 -15.50 23.40
C VAL A 360 1.16 -14.23 22.71
N VAL A 361 0.72 -14.07 21.48
CA VAL A 361 1.22 -12.96 20.65
C VAL A 361 0.21 -12.15 19.97
N ILE A 362 0.61 -10.91 19.64
CA ILE A 362 -0.31 -10.04 18.92
C ILE A 362 0.41 -9.70 17.59
N GLY A 363 -0.37 -9.65 16.51
CA GLY A 363 0.20 -9.33 15.18
C GLY A 363 -0.94 -9.11 14.19
N TYR A 364 -0.63 -8.58 13.02
CA TYR A 364 -1.67 -8.35 12.02
C TYR A 364 -2.38 -9.61 11.54
N SER A 365 -3.66 -9.42 11.30
CA SER A 365 -4.46 -10.48 10.75
C SER A 365 -4.10 -10.90 9.36
N ARG A 366 -3.47 -10.00 8.60
CA ARG A 366 -3.23 -10.29 7.20
C ARG A 366 -2.36 -11.48 6.88
N ASN A 367 -1.42 -11.78 7.77
CA ASN A 367 -0.52 -12.89 7.49
C ASN A 367 -1.17 -14.17 7.97
N GLU A 368 -2.20 -14.56 7.23
CA GLU A 368 -2.99 -15.73 7.69
C GLU A 368 -2.26 -17.07 7.77
N LYS A 369 -1.32 -17.33 6.85
CA LYS A 369 -0.67 -18.63 6.90
C LYS A 369 0.29 -18.66 8.08
N THR A 370 0.92 -17.52 8.40
CA THR A 370 1.77 -17.51 9.58
C THR A 370 0.96 -17.61 10.87
N ASN A 371 -0.21 -16.97 10.91
CA ASN A 371 -1.04 -17.07 12.10
C ASN A 371 -1.45 -18.52 12.30
N ALA A 372 -1.75 -19.21 11.20
CA ALA A 372 -2.11 -20.60 11.34
C ALA A 372 -0.94 -21.46 11.82
N ALA A 373 0.29 -21.19 11.31
CA ALA A 373 1.47 -21.95 11.69
C ALA A 373 1.77 -21.74 13.16
N LEU A 374 1.61 -20.50 13.66
CA LEU A 374 1.82 -20.25 15.09
C LEU A 374 0.81 -21.04 15.91
N GLU A 375 -0.47 -20.95 15.55
CA GLU A 375 -1.48 -21.71 16.31
C GLU A 375 -1.18 -23.23 16.31
N ALA A 376 -0.70 -23.74 15.17
CA ALA A 376 -0.41 -25.16 15.07
C ALA A 376 0.80 -25.54 15.92
N ALA A 377 1.66 -24.57 16.22
CA ALA A 377 2.83 -24.82 17.06
C ALA A 377 2.52 -24.60 18.55
N GLY A 378 1.26 -24.29 18.84
CA GLY A 378 0.81 -24.04 20.20
C GLY A 378 0.96 -22.62 20.71
N ILE A 379 0.99 -21.64 19.81
CA ILE A 379 1.09 -20.23 20.23
C ILE A 379 -0.26 -19.61 19.96
N LYS A 380 -0.84 -18.95 20.98
CA LYS A 380 -2.11 -18.27 20.85
C LYS A 380 -1.86 -16.95 20.10
N VAL A 381 -2.60 -16.72 19.02
CA VAL A 381 -2.47 -15.46 18.28
C VAL A 381 -3.69 -14.58 18.53
N LEU A 382 -3.46 -13.32 18.89
CA LEU A 382 -4.51 -12.32 19.09
C LEU A 382 -4.30 -11.36 17.91
N PRO A 383 -4.90 -11.66 16.77
CA PRO A 383 -4.78 -10.81 15.58
C PRO A 383 -5.62 -9.55 15.65
N PHE A 384 -5.18 -8.53 14.91
CA PHE A 384 -5.97 -7.32 14.75
C PHE A 384 -5.76 -6.88 13.32
N HIS A 385 -6.73 -6.15 12.79
CA HIS A 385 -6.66 -5.64 11.43
C HIS A 385 -5.72 -4.44 11.42
N GLY A 386 -4.66 -4.53 10.61
CA GLY A 386 -3.66 -3.44 10.61
C GLY A 386 -3.10 -3.23 9.21
N ASN A 387 -3.95 -3.36 8.18
CA ASN A 387 -3.39 -3.21 6.82
C ASN A 387 -2.74 -1.87 6.51
N GLN A 388 -3.33 -0.77 6.97
CA GLN A 388 -2.73 0.53 6.67
C GLN A 388 -1.42 0.64 7.46
N LEU A 389 -1.46 0.30 8.75
CA LEU A 389 -0.23 0.37 9.57
C LEU A 389 0.89 -0.44 8.94
N SER A 390 0.55 -1.60 8.34
CA SER A 390 1.57 -2.45 7.72
C SER A 390 2.35 -1.80 6.56
N LEU A 391 1.75 -0.79 5.89
CA LEU A 391 2.43 -0.14 4.77
C LEU A 391 3.66 0.60 5.23
N GLY A 392 3.78 0.88 6.54
CA GLY A 392 4.98 1.49 7.12
C GLY A 392 6.12 0.49 7.34
N MET A 393 5.91 -0.77 6.96
CA MET A 393 6.92 -1.80 7.06
C MET A 393 7.32 -2.18 8.47
N GLY A 394 6.28 -2.33 9.31
CA GLY A 394 6.53 -2.85 10.65
C GLY A 394 5.21 -3.50 11.09
N ASN A 395 5.29 -4.44 12.03
CA ASN A 395 4.10 -5.15 12.63
C ASN A 395 4.04 -4.72 14.11
N ALA A 396 3.28 -5.48 14.89
CA ALA A 396 3.11 -5.15 16.30
C ALA A 396 4.39 -4.99 17.12
N ARG A 397 5.38 -5.87 16.89
CA ARG A 397 6.60 -5.71 17.69
C ARG A 397 7.22 -4.35 17.41
N CYS A 398 7.23 -3.97 16.13
CA CYS A 398 7.79 -2.64 15.75
C CYS A 398 7.01 -1.45 16.33
N MET A 399 5.72 -1.67 16.62
CA MET A 399 4.86 -0.61 17.16
C MET A 399 4.81 -0.59 18.69
N SER A 400 5.79 -1.26 19.29
CA SER A 400 5.79 -1.29 20.75
C SER A 400 7.17 -1.30 21.32
N MET A 401 7.29 -0.75 22.53
CA MET A 401 8.51 -0.86 23.30
C MET A 401 8.14 -1.27 24.75
N PRO A 402 8.35 -2.53 25.12
CA PRO A 402 8.05 -2.98 26.50
C PRO A 402 8.84 -2.08 27.49
N LEU A 403 8.18 -1.69 28.60
CA LEU A 403 8.86 -0.89 29.63
C LEU A 403 9.06 -1.82 30.84
N SER A 404 8.17 -2.79 31.00
CA SER A 404 8.31 -3.75 32.08
C SER A 404 7.58 -5.03 31.80
N ARG A 405 8.23 -6.12 32.13
CA ARG A 405 7.68 -7.46 31.98
C ARG A 405 7.90 -8.23 33.26
N LYS A 406 6.97 -9.13 33.56
CA LYS A 406 7.09 -10.00 34.73
C LYS A 406 8.21 -11.00 34.46
N ASP A 407 8.87 -11.47 35.52
CA ASP A 407 9.92 -12.45 35.34
C ASP A 407 9.35 -13.73 34.73
N VAL A 408 10.17 -14.39 33.92
CA VAL A 408 9.79 -15.63 33.28
C VAL A 408 10.25 -16.82 34.17
N LYS A 409 9.40 -17.84 34.25
CA LYS A 409 9.73 -19.04 35.01
C LYS A 409 10.22 -20.00 33.91
N TRP A 410 11.52 -19.95 33.71
CA TRP A 410 12.19 -20.73 32.67
C TRP A 410 12.12 -22.24 32.90
N SER B 2 -29.65 -15.48 -17.19
CA SER B 2 -28.48 -14.87 -17.87
C SER B 2 -27.91 -13.77 -16.99
N VAL B 3 -26.64 -13.45 -17.21
CA VAL B 3 -26.00 -12.40 -16.44
C VAL B 3 -26.66 -11.07 -16.81
N PHE B 4 -27.22 -11.00 -18.01
CA PHE B 4 -27.89 -9.78 -18.48
C PHE B 4 -29.38 -9.76 -18.09
N ASP B 5 -29.87 -8.61 -17.67
CA ASP B 5 -31.29 -8.54 -17.33
C ASP B 5 -32.06 -8.49 -18.66
N SER B 6 -33.38 -8.66 -18.59
CA SER B 6 -34.19 -8.68 -19.80
C SER B 6 -34.17 -7.46 -20.68
N LYS B 7 -34.04 -6.27 -20.10
CA LYS B 7 -34.02 -5.08 -20.93
C LYS B 7 -32.71 -4.87 -21.71
N PHE B 8 -31.64 -5.57 -21.31
CA PHE B 8 -30.37 -5.37 -22.03
C PHE B 8 -30.53 -5.78 -23.48
N LYS B 9 -30.41 -4.81 -24.39
CA LYS B 9 -30.57 -5.08 -25.82
C LYS B 9 -29.33 -4.66 -26.60
N GLY B 10 -28.17 -4.78 -25.98
CA GLY B 10 -26.94 -4.42 -26.67
C GLY B 10 -26.19 -3.22 -26.10
N ILE B 11 -24.98 -3.01 -26.61
CA ILE B 11 -24.13 -1.89 -26.16
C ILE B 11 -24.80 -0.56 -26.51
N HIS B 12 -24.96 0.31 -25.51
CA HIS B 12 -25.61 1.59 -25.71
C HIS B 12 -25.00 2.61 -24.77
N VAL B 13 -23.86 3.13 -25.15
CA VAL B 13 -23.12 4.09 -24.29
C VAL B 13 -22.73 5.34 -25.06
N TYR B 14 -23.58 6.37 -24.93
CA TYR B 14 -23.37 7.63 -25.66
C TYR B 14 -23.07 8.84 -24.78
N SER B 15 -22.67 8.59 -23.55
CA SER B 15 -22.31 9.66 -22.61
C SER B 15 -21.50 8.97 -21.50
N GLU B 16 -20.98 9.80 -20.59
CA GLU B 16 -20.20 9.36 -19.42
C GLU B 16 -21.09 9.43 -18.19
N ILE B 17 -22.31 9.96 -18.40
CA ILE B 17 -23.18 10.24 -17.25
C ILE B 17 -24.63 9.75 -17.24
N GLY B 18 -25.12 9.24 -18.37
CA GLY B 18 -26.51 8.79 -18.38
C GLY B 18 -26.76 7.70 -17.37
N GLU B 19 -27.98 7.65 -16.83
CA GLU B 19 -28.34 6.64 -15.85
C GLU B 19 -27.80 5.27 -16.29
N LEU B 20 -26.92 4.69 -15.47
CA LEU B 20 -26.31 3.41 -15.79
C LEU B 20 -27.28 2.24 -15.66
N GLU B 21 -27.37 1.47 -16.73
CA GLU B 21 -28.29 0.31 -16.79
C GLU B 21 -27.60 -1.01 -16.56
N SER B 22 -26.56 -1.25 -17.34
CA SER B 22 -25.75 -2.47 -17.28
C SER B 22 -24.27 -2.09 -17.20
N VAL B 23 -23.52 -2.80 -16.35
CA VAL B 23 -22.10 -2.49 -16.21
C VAL B 23 -21.27 -3.75 -15.96
N LEU B 24 -20.06 -3.80 -16.51
CA LEU B 24 -19.15 -4.95 -16.35
C LEU B 24 -18.08 -4.68 -15.27
N VAL B 25 -17.97 -5.60 -14.34
CA VAL B 25 -16.98 -5.51 -13.26
C VAL B 25 -16.35 -6.89 -13.14
N HIS B 26 -15.31 -6.96 -12.32
CA HIS B 26 -14.66 -8.20 -11.99
C HIS B 26 -14.09 -8.14 -10.59
N GLU B 27 -14.58 -9.01 -9.70
CA GLU B 27 -14.05 -9.05 -8.34
C GLU B 27 -12.70 -9.75 -8.50
N PRO B 28 -11.64 -9.19 -7.90
CA PRO B 28 -10.33 -9.85 -8.06
C PRO B 28 -10.34 -11.24 -7.46
N GLY B 29 -9.94 -12.22 -8.25
CA GLY B 29 -9.88 -13.59 -7.77
C GLY B 29 -8.48 -13.99 -7.36
N ARG B 30 -8.14 -15.26 -7.52
CA ARG B 30 -6.85 -15.76 -7.10
C ARG B 30 -5.68 -15.03 -7.79
N GLU B 31 -5.91 -14.40 -8.94
CA GLU B 31 -4.83 -13.74 -9.63
C GLU B 31 -4.07 -12.70 -8.79
N ILE B 32 -4.75 -12.04 -7.85
CA ILE B 32 -4.01 -11.06 -7.01
C ILE B 32 -3.20 -11.76 -5.89
N ASP B 33 -3.42 -13.05 -5.69
CA ASP B 33 -2.64 -13.74 -4.64
C ASP B 33 -1.24 -14.04 -5.10
N TYR B 34 -0.98 -13.88 -6.40
CA TYR B 34 0.34 -14.19 -6.95
C TYR B 34 1.26 -12.99 -7.19
N ILE B 35 0.80 -11.84 -6.69
CA ILE B 35 1.57 -10.60 -6.75
C ILE B 35 2.66 -10.71 -5.68
N THR B 36 3.93 -10.66 -6.10
CA THR B 36 5.02 -10.76 -5.13
C THR B 36 5.78 -9.44 -5.03
N PRO B 37 6.53 -9.26 -3.93
CA PRO B 37 7.24 -7.98 -3.80
C PRO B 37 8.14 -7.57 -4.98
N ALA B 38 8.86 -8.53 -5.53
CA ALA B 38 9.80 -8.20 -6.60
C ALA B 38 9.15 -7.90 -7.92
N ARG B 39 7.87 -8.30 -8.09
CA ARG B 39 7.22 -8.09 -9.37
C ARG B 39 6.19 -6.97 -9.39
N LEU B 40 6.16 -6.12 -8.37
CA LEU B 40 5.16 -5.04 -8.39
C LEU B 40 5.20 -4.15 -9.65
N ASP B 41 6.37 -3.68 -10.05
CA ASP B 41 6.45 -2.81 -11.22
C ASP B 41 5.98 -3.55 -12.46
N GLU B 42 6.45 -4.77 -12.64
CA GLU B 42 6.05 -5.55 -13.80
C GLU B 42 4.52 -5.81 -13.85
N LEU B 43 3.93 -6.13 -12.69
CA LEU B 43 2.52 -6.48 -12.63
C LEU B 43 1.57 -5.31 -12.55
N LEU B 44 2.14 -4.10 -12.41
CA LEU B 44 1.44 -2.82 -12.40
C LEU B 44 0.68 -2.50 -11.11
N PHE B 45 1.30 -2.82 -9.97
CA PHE B 45 0.72 -2.52 -8.68
C PHE B 45 1.66 -1.64 -7.85
N SER B 46 1.07 -0.79 -7.02
CA SER B 46 1.88 0.09 -6.18
C SER B 46 2.30 -0.61 -4.88
N ALA B 47 1.56 -1.65 -4.51
CA ALA B 47 1.85 -2.39 -3.29
C ALA B 47 1.01 -3.63 -3.38
N ILE B 48 1.32 -4.60 -2.54
CA ILE B 48 0.57 -5.87 -2.53
C ILE B 48 -0.73 -5.68 -1.77
N LEU B 49 -1.83 -6.17 -2.35
CA LEU B 49 -3.15 -6.09 -1.73
C LEU B 49 -3.41 -7.17 -0.69
N GLU B 50 -4.23 -6.87 0.32
CA GLU B 50 -4.67 -7.89 1.28
C GLU B 50 -5.86 -8.40 0.49
N SER B 51 -5.74 -9.63 0.00
CA SER B 51 -6.77 -10.17 -0.91
C SER B 51 -8.17 -10.29 -0.37
N HIS B 52 -8.33 -10.87 0.83
CA HIS B 52 -9.67 -11.03 1.40
C HIS B 52 -10.37 -9.67 1.54
N ASP B 53 -9.62 -8.69 2.06
CA ASP B 53 -10.19 -7.37 2.26
C ASP B 53 -10.51 -6.68 0.93
N ALA B 54 -9.69 -6.92 -0.07
CA ALA B 54 -9.94 -6.31 -1.39
C ALA B 54 -11.25 -6.87 -1.96
N ARG B 55 -11.49 -8.15 -1.73
CA ARG B 55 -12.70 -8.76 -2.26
C ARG B 55 -13.90 -8.23 -1.50
N LYS B 56 -13.77 -8.06 -0.18
CA LYS B 56 -14.85 -7.47 0.60
C LYS B 56 -15.19 -6.04 0.10
N GLU B 57 -14.15 -5.26 -0.20
CA GLU B 57 -14.38 -3.91 -0.72
C GLU B 57 -15.11 -3.97 -2.05
N HIS B 58 -14.69 -4.90 -2.92
CA HIS B 58 -15.30 -5.01 -4.21
C HIS B 58 -16.78 -5.36 -4.08
N LYS B 59 -17.09 -6.28 -3.15
CA LYS B 59 -18.50 -6.61 -2.94
C LYS B 59 -19.30 -5.37 -2.48
N GLN B 60 -18.69 -4.46 -1.71
CA GLN B 60 -19.42 -3.25 -1.27
C GLN B 60 -19.70 -2.38 -2.49
N PHE B 61 -18.72 -2.28 -3.37
CA PHE B 61 -18.87 -1.48 -4.58
C PHE B 61 -20.03 -2.05 -5.41
N VAL B 62 -20.04 -3.36 -5.61
CA VAL B 62 -21.10 -4.01 -6.40
C VAL B 62 -22.45 -3.82 -5.70
N ALA B 63 -22.45 -3.94 -4.37
CA ALA B 63 -23.71 -3.77 -3.63
C ALA B 63 -24.27 -2.37 -3.78
N GLU B 64 -23.39 -1.36 -3.86
CA GLU B 64 -23.88 0.00 -4.04
C GLU B 64 -24.47 0.18 -5.46
N LEU B 65 -23.84 -0.43 -6.46
CA LEU B 65 -24.33 -0.33 -7.81
C LEU B 65 -25.72 -1.00 -7.86
N LYS B 66 -25.82 -2.17 -7.27
CA LYS B 66 -27.12 -2.85 -7.27
C LYS B 66 -28.19 -2.09 -6.52
N ALA B 67 -27.80 -1.36 -5.45
CA ALA B 67 -28.77 -0.58 -4.67
C ALA B 67 -29.33 0.54 -5.52
N ASN B 68 -28.68 0.81 -6.65
CA ASN B 68 -29.14 1.85 -7.56
C ASN B 68 -29.79 1.27 -8.79
N ASP B 69 -30.27 0.02 -8.65
CA ASP B 69 -30.96 -0.68 -9.74
C ASP B 69 -30.14 -0.88 -10.99
N ILE B 70 -28.85 -1.14 -10.81
CA ILE B 70 -27.97 -1.33 -11.95
C ILE B 70 -27.72 -2.82 -12.14
N ASN B 71 -27.72 -3.26 -13.40
CA ASN B 71 -27.47 -4.66 -13.74
C ASN B 71 -25.95 -4.80 -13.77
N VAL B 72 -25.41 -5.47 -12.75
CA VAL B 72 -23.95 -5.67 -12.66
C VAL B 72 -23.59 -7.06 -13.18
N VAL B 73 -22.75 -7.08 -14.21
CA VAL B 73 -22.29 -8.30 -14.82
C VAL B 73 -20.84 -8.58 -14.38
N GLU B 74 -20.63 -9.73 -13.75
CA GLU B 74 -19.31 -10.15 -13.31
C GLU B 74 -18.67 -10.84 -14.50
N LEU B 75 -17.48 -10.39 -14.87
CA LEU B 75 -16.77 -10.95 -16.02
C LEU B 75 -16.68 -12.48 -16.02
N ILE B 76 -16.30 -13.10 -14.88
CA ILE B 76 -16.18 -14.55 -14.85
C ILE B 76 -17.49 -15.18 -15.32
N ASP B 77 -18.60 -14.70 -14.79
CA ASP B 77 -19.91 -15.26 -15.15
C ASP B 77 -20.33 -15.03 -16.57
N LEU B 78 -19.89 -13.90 -17.13
CA LEU B 78 -20.21 -13.59 -18.53
C LEU B 78 -19.41 -14.54 -19.43
N VAL B 79 -18.13 -14.72 -19.16
CA VAL B 79 -17.32 -15.60 -20.00
C VAL B 79 -17.82 -17.06 -19.90
N ALA B 80 -18.08 -17.53 -18.69
CA ALA B 80 -18.57 -18.91 -18.49
C ALA B 80 -19.90 -19.14 -19.21
N GLU B 81 -20.83 -18.19 -19.05
CA GLU B 81 -22.14 -18.29 -19.71
C GLU B 81 -21.98 -18.36 -21.23
N THR B 82 -21.05 -17.57 -21.74
CA THR B 82 -20.75 -17.52 -23.16
C THR B 82 -20.11 -18.83 -23.60
N TYR B 83 -19.21 -19.35 -22.75
CA TYR B 83 -18.54 -20.61 -23.03
C TYR B 83 -19.57 -21.72 -23.15
N ASP B 84 -20.50 -21.74 -22.20
CA ASP B 84 -21.55 -22.77 -22.16
C ASP B 84 -22.39 -22.82 -23.41
N LEU B 85 -22.60 -21.69 -24.06
CA LEU B 85 -23.46 -21.69 -25.24
C LEU B 85 -22.69 -21.61 -26.55
N ALA B 86 -21.38 -21.50 -26.47
CA ALA B 86 -20.56 -21.42 -27.66
C ALA B 86 -20.40 -22.77 -28.36
N SER B 87 -20.00 -22.71 -29.63
CA SER B 87 -19.76 -23.90 -30.43
C SER B 87 -18.50 -24.58 -29.87
N GLN B 88 -18.32 -25.87 -30.17
CA GLN B 88 -17.13 -26.58 -29.70
C GLN B 88 -15.89 -25.99 -30.35
N GLU B 89 -16.05 -25.48 -31.57
CA GLU B 89 -14.94 -24.88 -32.27
C GLU B 89 -14.45 -23.65 -31.46
N ALA B 90 -15.41 -22.86 -30.99
CA ALA B 90 -15.07 -21.64 -30.24
C ALA B 90 -14.52 -22.01 -28.86
N LYS B 91 -15.16 -22.99 -28.19
CA LYS B 91 -14.69 -23.46 -26.91
C LYS B 91 -13.24 -23.91 -27.03
N ASP B 92 -12.96 -24.65 -28.10
CA ASP B 92 -11.60 -25.15 -28.30
C ASP B 92 -10.58 -24.08 -28.61
N LYS B 93 -10.96 -23.11 -29.44
CA LYS B 93 -10.04 -22.06 -29.83
C LYS B 93 -9.70 -21.13 -28.65
N LEU B 94 -10.61 -21.01 -27.70
CA LEU B 94 -10.37 -20.14 -26.53
C LEU B 94 -9.19 -20.73 -25.76
N ILE B 95 -9.19 -22.04 -25.58
CA ILE B 95 -8.10 -22.71 -24.86
C ILE B 95 -6.81 -22.61 -25.68
N GLU B 96 -6.88 -22.80 -26.99
CA GLU B 96 -5.68 -22.69 -27.81
C GLU B 96 -5.08 -21.28 -27.81
N GLU B 97 -5.93 -20.26 -27.91
CA GLU B 97 -5.41 -18.90 -27.94
C GLU B 97 -4.88 -18.53 -26.54
N PHE B 98 -5.51 -19.04 -25.50
CA PHE B 98 -4.98 -18.80 -24.14
C PHE B 98 -3.54 -19.36 -24.07
N LEU B 99 -3.33 -20.59 -24.55
CA LEU B 99 -2.01 -21.17 -24.50
C LEU B 99 -1.00 -20.41 -25.37
N GLU B 100 -1.41 -19.95 -26.55
CA GLU B 100 -0.47 -19.29 -27.44
C GLU B 100 -0.06 -17.95 -26.92
N ASP B 101 -0.94 -17.35 -26.13
CA ASP B 101 -0.66 -16.03 -25.62
C ASP B 101 -0.13 -16.01 -24.22
N SER B 102 0.19 -17.18 -23.68
CA SER B 102 0.71 -17.26 -22.33
C SER B 102 1.96 -16.45 -22.06
N GLU B 103 2.08 -16.02 -20.80
CA GLU B 103 3.30 -15.40 -20.32
C GLU B 103 3.47 -16.13 -18.97
N PRO B 104 4.62 -16.79 -18.76
CA PRO B 104 5.81 -16.95 -19.62
C PRO B 104 5.35 -17.76 -20.85
N VAL B 105 6.17 -17.74 -21.90
CA VAL B 105 5.86 -18.51 -23.11
C VAL B 105 5.95 -19.99 -22.75
N LEU B 106 4.97 -20.78 -23.19
CA LEU B 106 4.94 -22.20 -22.83
C LEU B 106 5.78 -23.16 -23.69
N SER B 107 6.51 -24.05 -23.01
CA SER B 107 7.28 -25.08 -23.72
C SER B 107 6.21 -26.02 -24.33
N GLU B 108 6.60 -26.84 -25.30
CA GLU B 108 5.62 -27.74 -25.88
C GLU B 108 5.07 -28.69 -24.83
N GLU B 109 5.94 -29.16 -23.96
CA GLU B 109 5.50 -30.09 -22.95
C GLU B 109 4.52 -29.45 -21.99
N HIS B 110 4.81 -28.21 -21.55
CA HIS B 110 3.89 -27.55 -20.63
C HIS B 110 2.57 -27.19 -21.32
N LYS B 111 2.62 -26.91 -22.62
CA LYS B 111 1.38 -26.62 -23.35
C LYS B 111 0.42 -27.81 -23.29
N VAL B 112 0.95 -29.01 -23.51
CA VAL B 112 0.12 -30.20 -23.45
C VAL B 112 -0.41 -30.42 -22.02
N VAL B 113 0.49 -30.32 -21.04
CA VAL B 113 0.09 -30.52 -19.65
C VAL B 113 -0.97 -29.49 -19.25
N VAL B 114 -0.76 -28.23 -19.63
CA VAL B 114 -1.76 -27.20 -19.27
C VAL B 114 -3.05 -27.44 -20.04
N ARG B 115 -2.96 -27.81 -21.32
CA ARG B 115 -4.22 -28.04 -22.07
C ARG B 115 -5.09 -29.12 -21.41
N ASN B 116 -4.44 -30.21 -20.99
CA ASN B 116 -5.16 -31.32 -20.37
C ASN B 116 -5.81 -30.91 -19.07
N PHE B 117 -5.07 -30.13 -18.26
CA PHE B 117 -5.52 -29.61 -16.99
C PHE B 117 -6.77 -28.73 -17.22
N LEU B 118 -6.69 -27.88 -18.22
CA LEU B 118 -7.82 -27.00 -18.53
C LEU B 118 -9.03 -27.86 -18.98
N LYS B 119 -8.77 -28.81 -19.89
CA LYS B 119 -9.87 -29.63 -20.39
C LYS B 119 -10.55 -30.49 -19.33
N ALA B 120 -9.81 -30.81 -18.26
CA ALA B 120 -10.33 -31.62 -17.18
C ALA B 120 -11.11 -30.83 -16.14
N LYS B 121 -11.10 -29.50 -16.20
CA LYS B 121 -11.88 -28.70 -15.24
C LYS B 121 -13.36 -29.08 -15.38
N LYS B 122 -14.00 -29.37 -14.26
CA LYS B 122 -15.39 -29.83 -14.22
C LYS B 122 -16.52 -28.89 -14.62
N THR B 123 -16.31 -27.57 -14.48
CA THR B 123 -17.36 -26.62 -14.85
C THR B 123 -16.69 -25.50 -15.65
N SER B 124 -17.46 -24.81 -16.47
CA SER B 124 -16.93 -23.70 -17.27
C SER B 124 -16.48 -22.57 -16.30
N ARG B 125 -17.15 -22.42 -15.16
CA ARG B 125 -16.70 -21.34 -14.26
C ARG B 125 -15.30 -21.61 -13.71
N GLU B 126 -15.02 -22.84 -13.37
CA GLU B 126 -13.69 -23.20 -12.85
C GLU B 126 -12.66 -23.01 -13.95
N LEU B 127 -13.03 -23.34 -15.19
CA LEU B 127 -12.11 -23.16 -16.30
C LEU B 127 -11.78 -21.66 -16.44
N VAL B 128 -12.80 -20.81 -16.40
CA VAL B 128 -12.54 -19.38 -16.55
C VAL B 128 -11.76 -18.84 -15.36
N GLU B 129 -12.10 -19.25 -14.14
CA GLU B 129 -11.39 -18.76 -12.97
C GLU B 129 -9.89 -19.06 -13.09
N ILE B 130 -9.55 -20.27 -13.49
CA ILE B 130 -8.13 -20.64 -13.56
C ILE B 130 -7.38 -19.92 -14.65
N MET B 131 -8.06 -19.67 -15.76
CA MET B 131 -7.38 -18.96 -16.85
C MET B 131 -7.07 -17.51 -16.40
N MET B 132 -7.93 -16.95 -15.55
CA MET B 132 -7.67 -15.60 -15.05
C MET B 132 -6.63 -15.59 -13.94
N ALA B 133 -6.67 -16.63 -13.11
CA ALA B 133 -5.78 -16.75 -11.97
C ALA B 133 -4.31 -16.98 -12.22
N GLY B 134 -3.99 -17.71 -13.30
CA GLY B 134 -2.60 -18.08 -13.46
C GLY B 134 -2.57 -19.52 -12.96
N ILE B 135 -1.50 -20.24 -13.30
CA ILE B 135 -1.43 -21.66 -12.96
C ILE B 135 -0.10 -22.02 -12.43
N THR B 136 -0.09 -22.66 -11.28
CA THR B 136 1.18 -23.01 -10.67
C THR B 136 1.57 -24.45 -10.92
N LYS B 137 2.83 -24.75 -10.63
CA LYS B 137 3.29 -26.14 -10.81
C LYS B 137 2.53 -26.98 -9.82
N TYR B 138 2.15 -26.39 -8.69
CA TYR B 138 1.36 -27.10 -7.70
C TYR B 138 -0.05 -27.46 -8.18
N ASP B 139 -0.68 -26.58 -8.95
CA ASP B 139 -2.01 -26.83 -9.50
C ASP B 139 -1.89 -28.02 -10.45
N LEU B 140 -0.81 -28.03 -11.23
CA LEU B 140 -0.61 -29.11 -12.23
C LEU B 140 -0.04 -30.41 -11.69
N GLY B 141 0.48 -30.39 -10.47
CA GLY B 141 1.08 -31.60 -9.93
C GLY B 141 2.39 -31.98 -10.63
N ILE B 142 3.09 -30.98 -11.16
CA ILE B 142 4.36 -31.25 -11.81
C ILE B 142 5.59 -30.61 -11.16
N GLU B 143 6.75 -31.17 -11.46
CA GLU B 143 7.99 -30.58 -10.95
C GLU B 143 8.35 -29.53 -12.00
N ALA B 144 8.86 -28.36 -11.59
CA ALA B 144 9.29 -27.30 -12.53
C ALA B 144 10.26 -26.40 -11.77
N ASP B 145 11.05 -25.63 -12.48
CA ASP B 145 12.00 -24.77 -11.79
C ASP B 145 11.45 -23.38 -11.46
N HIS B 146 10.19 -23.16 -11.76
CA HIS B 146 9.53 -21.90 -11.39
C HIS B 146 8.13 -22.26 -10.94
N GLU B 147 7.59 -21.48 -10.01
CA GLU B 147 6.27 -21.81 -9.50
C GLU B 147 5.12 -21.45 -10.43
N LEU B 148 5.24 -20.36 -11.17
CA LEU B 148 4.14 -19.99 -12.06
C LEU B 148 4.35 -20.49 -13.48
N ILE B 149 3.59 -21.51 -13.87
CA ILE B 149 3.70 -22.04 -15.23
C ILE B 149 3.01 -21.06 -16.19
N VAL B 150 1.90 -20.46 -15.74
CA VAL B 150 1.21 -19.41 -16.50
C VAL B 150 0.94 -18.31 -15.49
N ASP B 151 1.38 -17.10 -15.83
CA ASP B 151 1.23 -15.94 -14.93
C ASP B 151 -0.22 -15.53 -14.72
N PRO B 152 -0.49 -14.87 -13.59
CA PRO B 152 -1.84 -14.38 -13.33
C PRO B 152 -2.09 -13.20 -14.31
N MET B 153 -3.35 -12.73 -14.37
CA MET B 153 -3.72 -11.49 -15.08
C MET B 153 -4.28 -10.71 -13.85
N PRO B 154 -3.38 -10.21 -12.97
CA PRO B 154 -3.88 -9.51 -11.76
C PRO B 154 -4.70 -8.25 -11.91
N ASN B 155 -4.58 -7.59 -13.05
CA ASN B 155 -5.29 -6.38 -13.31
C ASN B 155 -6.70 -6.54 -13.86
N LEU B 156 -7.16 -7.78 -13.95
CA LEU B 156 -8.48 -7.99 -14.48
C LEU B 156 -9.62 -7.23 -13.79
N TYR B 157 -9.49 -6.94 -12.48
CA TYR B 157 -10.56 -6.21 -11.80
C TYR B 157 -10.69 -4.78 -12.38
N PHE B 158 -9.71 -4.33 -13.15
CA PHE B 158 -9.84 -3.01 -13.79
C PHE B 158 -10.46 -3.22 -15.20
N THR B 159 -11.78 -3.50 -15.20
CA THR B 159 -12.50 -3.81 -16.45
C THR B 159 -12.67 -2.61 -17.37
N ARG B 160 -12.28 -1.45 -16.90
CA ARG B 160 -12.36 -0.28 -17.75
C ARG B 160 -11.44 -0.37 -18.94
N ASP B 161 -10.35 -1.13 -18.76
CA ASP B 161 -9.27 -1.02 -19.75
C ASP B 161 -9.15 -1.90 -21.01
N PRO B 162 -9.50 -3.21 -20.94
CA PRO B 162 -9.40 -4.12 -22.10
C PRO B 162 -10.27 -3.75 -23.29
N PHE B 163 -11.48 -3.29 -23.03
CA PHE B 163 -12.32 -2.84 -24.15
C PHE B 163 -13.13 -1.68 -23.65
N ALA B 164 -13.61 -0.87 -24.58
CA ALA B 164 -14.45 0.21 -24.18
C ALA B 164 -15.72 0.27 -25.02
N SER B 165 -16.85 0.47 -24.35
CA SER B 165 -18.10 0.65 -25.07
C SER B 165 -18.06 2.04 -25.73
N VAL B 166 -18.38 2.10 -27.02
CA VAL B 166 -18.33 3.35 -27.76
C VAL B 166 -19.62 3.49 -28.61
N GLY B 167 -20.62 4.17 -28.04
CA GLY B 167 -21.90 4.30 -28.73
C GLY B 167 -22.54 2.92 -28.71
N ASN B 168 -22.80 2.34 -29.89
CA ASN B 168 -23.33 0.97 -29.89
C ASN B 168 -22.29 0.01 -30.47
N GLY B 169 -21.04 0.48 -30.53
CA GLY B 169 -19.95 -0.36 -30.96
C GLY B 169 -18.99 -0.52 -29.78
N VAL B 170 -17.86 -1.17 -30.04
CA VAL B 170 -16.85 -1.39 -28.98
C VAL B 170 -15.46 -1.27 -29.54
N THR B 171 -14.50 -0.86 -28.70
CA THR B 171 -13.12 -0.89 -29.16
C THR B 171 -12.47 -1.96 -28.27
N ILE B 172 -11.84 -2.98 -28.88
CA ILE B 172 -11.16 -4.02 -28.10
C ILE B 172 -9.70 -3.68 -28.32
N HIS B 173 -8.97 -3.46 -27.23
CA HIS B 173 -7.66 -2.89 -27.33
C HIS B 173 -6.35 -3.68 -27.46
N TYR B 174 -5.35 -3.02 -28.03
CA TYR B 174 -4.00 -3.57 -28.03
C TYR B 174 -3.44 -2.78 -26.87
N MET B 175 -3.28 -3.44 -25.73
CA MET B 175 -2.82 -2.76 -24.52
C MET B 175 -1.30 -2.59 -24.50
N ARG B 176 -0.81 -1.71 -23.63
CA ARG B 176 0.59 -1.40 -23.58
C ARG B 176 1.48 -2.55 -23.11
N TYR B 177 1.09 -3.20 -22.03
CA TYR B 177 1.93 -4.27 -21.46
C TYR B 177 1.32 -5.66 -21.60
N LYS B 178 2.20 -6.66 -21.79
CA LYS B 178 1.74 -8.04 -21.96
C LYS B 178 0.89 -8.50 -20.80
N VAL B 179 1.24 -8.11 -19.58
CA VAL B 179 0.47 -8.58 -18.42
C VAL B 179 -1.02 -8.25 -18.56
N ARG B 180 -1.34 -7.16 -19.27
CA ARG B 180 -2.73 -6.77 -19.51
C ARG B 180 -3.26 -7.15 -20.88
N GLN B 181 -2.39 -7.17 -21.88
CA GLN B 181 -2.82 -7.59 -23.23
C GLN B 181 -3.55 -8.93 -23.17
N ARG B 182 -3.06 -9.80 -22.31
CA ARG B 182 -3.69 -11.11 -22.18
C ARG B 182 -5.17 -11.08 -21.78
N GLU B 183 -5.59 -10.01 -21.12
CA GLU B 183 -6.96 -9.92 -20.68
C GLU B 183 -7.95 -9.76 -21.85
N THR B 184 -7.44 -9.29 -22.98
CA THR B 184 -8.33 -9.05 -24.12
C THR B 184 -8.83 -10.36 -24.76
N LEU B 185 -8.27 -11.48 -24.36
CA LEU B 185 -8.77 -12.77 -24.86
C LEU B 185 -10.24 -12.89 -24.47
N PHE B 186 -10.57 -12.51 -23.23
CA PHE B 186 -11.93 -12.66 -22.77
C PHE B 186 -12.85 -11.70 -23.47
N SER B 187 -12.34 -10.50 -23.77
CA SER B 187 -13.14 -9.48 -24.46
C SER B 187 -13.52 -9.97 -25.86
N ARG B 188 -12.55 -10.47 -26.60
CA ARG B 188 -12.85 -10.97 -27.95
C ARG B 188 -13.83 -12.12 -27.84
N PHE B 189 -13.58 -13.03 -26.92
CA PHE B 189 -14.46 -14.19 -26.77
C PHE B 189 -15.94 -13.85 -26.53
N VAL B 190 -16.23 -12.95 -25.57
CA VAL B 190 -17.62 -12.67 -25.30
C VAL B 190 -18.28 -11.90 -26.43
N PHE B 191 -17.55 -11.00 -27.06
CA PHE B 191 -18.19 -10.25 -28.14
C PHE B 191 -18.40 -11.06 -29.39
N SER B 192 -17.57 -12.09 -29.58
CA SER B 192 -17.67 -12.92 -30.77
C SER B 192 -18.64 -14.06 -30.64
N ASN B 193 -19.07 -14.35 -29.41
CA ASN B 193 -19.94 -15.49 -29.20
C ASN B 193 -21.23 -15.30 -28.42
N HIS B 194 -21.31 -14.30 -27.54
CA HIS B 194 -22.54 -14.18 -26.77
C HIS B 194 -23.62 -13.57 -27.66
N PRO B 195 -24.79 -14.23 -27.75
CA PRO B 195 -25.87 -13.70 -28.60
C PRO B 195 -26.23 -12.23 -28.36
N LYS B 196 -26.17 -11.79 -27.11
CA LYS B 196 -26.52 -10.40 -26.82
C LYS B 196 -25.45 -9.39 -27.16
N LEU B 197 -24.26 -9.88 -27.53
CA LEU B 197 -23.12 -9.01 -27.88
C LEU B 197 -22.57 -9.28 -29.27
N ILE B 198 -22.87 -10.43 -29.85
CA ILE B 198 -22.31 -10.82 -31.13
C ILE B 198 -22.51 -9.83 -32.27
N ASN B 199 -23.60 -9.10 -32.28
CA ASN B 199 -23.82 -8.14 -33.38
C ASN B 199 -23.18 -6.76 -33.18
N THR B 200 -22.43 -6.60 -32.09
CA THR B 200 -21.78 -5.32 -31.83
C THR B 200 -20.63 -5.10 -32.80
N PRO B 201 -20.62 -3.96 -33.47
CA PRO B 201 -19.52 -3.68 -34.41
C PRO B 201 -18.26 -3.27 -33.63
N TRP B 202 -17.08 -3.66 -34.11
CA TRP B 202 -15.81 -3.29 -33.43
C TRP B 202 -15.14 -2.15 -34.21
N TYR B 203 -14.57 -1.17 -33.48
CA TYR B 203 -13.86 -0.04 -34.11
C TYR B 203 -12.34 -0.14 -33.90
N TYR B 204 -11.96 -1.16 -33.14
CA TYR B 204 -10.55 -1.43 -32.87
C TYR B 204 -10.45 -2.86 -32.39
N ASP B 205 -9.33 -3.51 -32.67
CA ASP B 205 -9.10 -4.87 -32.21
C ASP B 205 -7.60 -5.02 -31.90
N PRO B 206 -7.25 -5.96 -31.01
CA PRO B 206 -5.87 -6.18 -30.59
C PRO B 206 -4.82 -6.39 -31.70
N SER B 207 -5.23 -6.96 -32.82
CA SER B 207 -4.28 -7.18 -33.89
C SER B 207 -3.71 -5.91 -34.52
N LEU B 208 -4.31 -4.77 -34.26
CA LEU B 208 -3.81 -3.52 -34.84
C LEU B 208 -2.44 -3.04 -34.28
N LYS B 209 -2.05 -3.58 -33.13
CA LYS B 209 -0.75 -3.29 -32.54
C LYS B 209 -0.33 -1.86 -32.22
N LEU B 210 -1.28 -0.92 -32.13
CA LEU B 210 -0.96 0.45 -31.73
C LEU B 210 -1.64 0.55 -30.35
N SER B 211 -0.88 1.00 -29.36
CA SER B 211 -1.36 1.04 -27.95
C SER B 211 -2.50 2.01 -27.63
N ILE B 212 -3.51 1.48 -26.96
CA ILE B 212 -4.69 2.22 -26.51
C ILE B 212 -5.36 1.41 -25.38
N GLU B 213 -5.88 2.12 -24.36
CA GLU B 213 -6.57 1.45 -23.25
C GLU B 213 -7.84 2.22 -22.88
N GLY B 214 -8.81 1.49 -22.33
CA GLY B 214 -10.10 2.06 -22.01
C GLY B 214 -10.08 3.19 -21.02
N GLY B 215 -9.12 3.24 -20.11
CA GLY B 215 -9.11 4.37 -19.19
C GLY B 215 -8.94 5.70 -19.91
N ASP B 216 -8.47 5.64 -21.15
CA ASP B 216 -8.27 6.86 -21.91
C ASP B 216 -9.50 7.23 -22.75
N VAL B 217 -10.49 6.34 -22.83
CA VAL B 217 -11.61 6.59 -23.73
C VAL B 217 -12.82 7.16 -23.00
N PHE B 218 -13.37 8.25 -23.55
CA PHE B 218 -14.52 8.91 -22.95
C PHE B 218 -15.55 9.18 -24.05
N ILE B 219 -16.83 8.99 -23.71
CA ILE B 219 -17.91 9.28 -24.66
C ILE B 219 -18.60 10.51 -24.07
N TYR B 220 -18.20 11.69 -24.51
CA TYR B 220 -18.82 12.89 -23.94
C TYR B 220 -20.29 13.12 -24.34
N ASN B 221 -20.62 12.85 -25.60
CA ASN B 221 -22.01 13.01 -26.07
C ASN B 221 -22.13 12.24 -27.40
N ASN B 222 -23.25 12.32 -28.10
CA ASN B 222 -23.40 11.53 -29.33
C ASN B 222 -22.44 11.98 -30.42
N ASP B 223 -21.97 13.21 -30.31
CA ASP B 223 -21.08 13.73 -31.32
C ASP B 223 -19.60 13.61 -31.07
N THR B 224 -19.22 13.73 -29.81
CA THR B 224 -17.82 13.82 -29.46
C THR B 224 -17.23 12.78 -28.54
N LEU B 225 -16.10 12.20 -28.98
CA LEU B 225 -15.36 11.23 -28.15
C LEU B 225 -14.16 12.02 -27.67
N VAL B 226 -13.64 11.64 -26.50
CA VAL B 226 -12.46 12.29 -25.98
C VAL B 226 -11.51 11.13 -25.65
N VAL B 227 -10.28 11.19 -26.16
CA VAL B 227 -9.36 10.11 -25.91
C VAL B 227 -8.03 10.64 -25.43
N GLY B 228 -7.52 10.03 -24.38
CA GLY B 228 -6.25 10.51 -23.87
C GLY B 228 -5.02 10.06 -24.63
N VAL B 229 -3.98 10.89 -24.51
CA VAL B 229 -2.63 10.65 -25.07
C VAL B 229 -1.84 10.62 -23.76
N SER B 230 -1.59 9.38 -23.36
CA SER B 230 -1.07 9.09 -22.03
C SER B 230 0.04 8.06 -22.01
N GLU B 231 0.33 7.56 -20.81
CA GLU B 231 1.38 6.56 -20.71
C GLU B 231 0.90 5.28 -21.41
N ARG B 232 -0.40 5.18 -21.67
CA ARG B 232 -0.95 3.95 -22.29
C ARG B 232 -1.55 4.04 -23.68
N THR B 233 -1.93 5.23 -24.09
CA THR B 233 -2.55 5.43 -25.41
C THR B 233 -1.77 6.48 -26.17
N ASP B 234 -1.38 6.18 -27.42
CA ASP B 234 -0.59 7.13 -28.20
C ASP B 234 -1.44 7.91 -29.20
N LEU B 235 -0.97 9.11 -29.52
CA LEU B 235 -1.71 9.93 -30.49
C LEU B 235 -1.90 9.20 -31.84
N GLN B 236 -0.87 8.49 -32.31
CA GLN B 236 -0.99 7.74 -33.56
C GLN B 236 -2.11 6.71 -33.48
N THR B 237 -2.37 6.20 -32.27
CA THR B 237 -3.41 5.24 -32.13
C THR B 237 -4.75 5.93 -32.26
N VAL B 238 -4.87 7.17 -31.75
CA VAL B 238 -6.15 7.89 -31.88
C VAL B 238 -6.40 8.17 -33.37
N THR B 239 -5.32 8.41 -34.08
CA THR B 239 -5.42 8.63 -35.52
C THR B 239 -5.98 7.39 -36.24
N LEU B 240 -5.56 6.19 -35.83
CA LEU B 240 -6.07 4.98 -36.45
C LEU B 240 -7.52 4.75 -36.03
N LEU B 241 -7.85 5.08 -34.78
CA LEU B 241 -9.22 4.94 -34.32
C LEU B 241 -10.15 5.84 -35.19
N ALA B 242 -9.71 7.05 -35.44
CA ALA B 242 -10.49 8.01 -36.22
C ALA B 242 -10.75 7.42 -37.62
N LYS B 243 -9.72 6.83 -38.20
CA LYS B 243 -9.84 6.22 -39.53
C LYS B 243 -10.89 5.10 -39.51
N ASN B 244 -10.80 4.22 -38.50
CA ASN B 244 -11.76 3.12 -38.39
C ASN B 244 -13.21 3.61 -38.22
N ILE B 245 -13.39 4.69 -37.45
CA ILE B 245 -14.75 5.20 -37.22
C ILE B 245 -15.32 5.79 -38.51
N VAL B 246 -14.50 6.50 -39.25
CA VAL B 246 -14.93 7.08 -40.51
C VAL B 246 -15.24 5.94 -41.51
N ALA B 247 -14.49 4.84 -41.40
CA ALA B 247 -14.73 3.70 -42.29
C ALA B 247 -16.02 3.00 -41.92
N ASN B 248 -16.51 3.20 -40.70
CA ASN B 248 -17.76 2.55 -40.31
C ASN B 248 -18.94 3.50 -40.57
N LYS B 249 -19.72 3.19 -41.58
CA LYS B 249 -20.84 4.02 -41.97
C LYS B 249 -22.01 4.14 -41.00
N GLU B 250 -22.12 3.18 -40.07
CA GLU B 250 -23.22 3.24 -39.12
C GLU B 250 -22.83 4.04 -37.89
N CYS B 251 -21.53 4.29 -37.72
CA CYS B 251 -21.04 5.01 -36.53
C CYS B 251 -21.24 6.50 -36.73
N GLU B 252 -22.01 7.10 -35.81
CA GLU B 252 -22.38 8.50 -35.89
C GLU B 252 -21.53 9.52 -35.14
N PHE B 253 -20.45 9.13 -34.48
CA PHE B 253 -19.64 10.16 -33.81
C PHE B 253 -19.05 11.13 -34.86
N LYS B 254 -18.86 12.39 -34.48
CA LYS B 254 -18.38 13.39 -35.43
C LYS B 254 -17.04 14.00 -35.14
N ARG B 255 -16.60 13.88 -33.90
CA ARG B 255 -15.38 14.52 -33.51
C ARG B 255 -14.66 13.71 -32.42
N ILE B 256 -13.33 13.76 -32.45
CA ILE B 256 -12.52 13.17 -31.37
C ILE B 256 -11.60 14.29 -30.88
N VAL B 257 -11.57 14.50 -29.57
CA VAL B 257 -10.64 15.46 -29.02
C VAL B 257 -9.63 14.57 -28.29
N ALA B 258 -8.38 14.71 -28.64
CA ALA B 258 -7.32 13.94 -27.99
C ALA B 258 -6.77 14.87 -26.94
N ILE B 259 -6.63 14.34 -25.72
CA ILE B 259 -6.07 15.14 -24.63
C ILE B 259 -4.77 14.57 -24.04
N ASN B 260 -3.71 15.37 -24.13
CA ASN B 260 -2.41 15.01 -23.60
C ASN B 260 -2.37 15.11 -22.08
N VAL B 261 -1.81 14.08 -21.41
CA VAL B 261 -1.67 14.14 -19.96
C VAL B 261 -0.25 13.69 -19.57
N PRO B 262 0.19 13.96 -18.32
CA PRO B 262 1.53 13.54 -17.89
C PRO B 262 1.71 12.04 -18.08
N LYS B 263 2.87 11.61 -18.56
CA LYS B 263 3.07 10.21 -18.86
C LYS B 263 3.57 9.44 -17.64
N TRP B 264 2.88 9.61 -16.51
CA TRP B 264 3.27 8.94 -15.26
C TRP B 264 2.84 7.49 -15.24
N THR B 265 3.75 6.59 -14.85
CA THR B 265 3.39 5.18 -14.84
C THR B 265 2.30 4.83 -13.85
N ASN B 266 2.14 5.69 -12.84
CA ASN B 266 1.12 5.43 -11.80
C ASN B 266 -0.19 6.17 -12.00
N LEU B 267 -0.24 7.04 -13.00
CA LEU B 267 -1.48 7.82 -13.34
C LEU B 267 -1.43 7.76 -14.88
N MET B 268 -1.75 6.56 -15.30
CA MET B 268 -1.51 6.11 -16.66
C MET B 268 -2.52 6.33 -17.74
N HIS B 269 -3.71 6.78 -17.35
CA HIS B 269 -4.79 7.02 -18.30
C HIS B 269 -5.37 8.42 -18.08
N LEU B 270 -6.03 8.95 -19.11
CA LEU B 270 -6.66 10.27 -18.98
C LEU B 270 -7.62 10.34 -17.78
N ASP B 271 -8.33 9.25 -17.49
CA ASP B 271 -9.30 9.26 -16.40
C ASP B 271 -8.70 9.34 -15.01
N THR B 272 -7.35 9.42 -14.92
CA THR B 272 -6.66 9.65 -13.66
C THR B 272 -6.26 11.15 -13.53
N TRP B 273 -6.64 11.97 -14.53
CA TRP B 273 -6.35 13.36 -14.56
C TRP B 273 -7.56 14.30 -14.83
N LEU B 274 -8.55 13.77 -15.53
CA LEU B 274 -9.73 14.55 -15.93
C LEU B 274 -10.91 13.66 -16.26
N THR B 275 -12.03 13.89 -15.56
CA THR B 275 -13.25 13.16 -15.84
C THR B 275 -14.45 14.13 -15.94
N MET B 276 -15.51 13.63 -16.59
CA MET B 276 -16.78 14.39 -16.73
C MET B 276 -17.80 13.66 -15.86
N LEU B 277 -18.38 14.38 -14.89
CA LEU B 277 -19.26 13.76 -13.93
C LEU B 277 -20.71 14.26 -13.92
N ASP B 278 -20.96 15.33 -14.65
CA ASP B 278 -22.35 15.80 -14.77
C ASP B 278 -22.43 16.47 -16.14
N LYS B 279 -23.59 17.00 -16.51
CA LYS B 279 -23.69 17.60 -17.83
C LYS B 279 -22.70 18.70 -18.09
N ASP B 280 -22.33 19.46 -17.05
CA ASP B 280 -21.40 20.56 -17.20
C ASP B 280 -20.30 20.60 -16.12
N LYS B 281 -20.06 19.47 -15.45
CA LYS B 281 -19.06 19.43 -14.36
C LYS B 281 -17.94 18.44 -14.65
N PHE B 282 -16.73 18.94 -14.43
CA PHE B 282 -15.52 18.17 -14.67
C PHE B 282 -14.62 18.22 -13.48
N LEU B 283 -13.96 17.08 -13.22
CA LEU B 283 -13.05 16.94 -12.09
C LEU B 283 -11.66 16.71 -12.64
N TYR B 284 -10.69 17.51 -12.20
CA TYR B 284 -9.34 17.41 -12.74
C TYR B 284 -8.28 17.62 -11.69
N SER B 285 -7.07 17.12 -11.96
CA SER B 285 -5.95 17.40 -11.07
C SER B 285 -5.10 18.56 -11.58
N PRO B 286 -4.86 19.58 -10.75
CA PRO B 286 -4.05 20.73 -11.12
C PRO B 286 -2.65 20.36 -11.51
N ILE B 287 -2.18 19.21 -11.05
CA ILE B 287 -0.83 18.80 -11.41
C ILE B 287 -0.67 18.70 -12.92
N ALA B 288 -1.75 18.49 -13.67
CA ALA B 288 -1.64 18.40 -15.12
C ALA B 288 -1.79 19.77 -15.83
N ASN B 289 -1.96 20.85 -15.06
CA ASN B 289 -2.26 22.18 -15.64
C ASN B 289 -1.39 22.60 -16.80
N ASP B 290 -0.07 22.46 -16.62
CA ASP B 290 0.84 22.86 -17.69
C ASP B 290 1.16 21.80 -18.72
N VAL B 291 0.51 20.63 -18.64
CA VAL B 291 0.75 19.53 -19.58
C VAL B 291 -0.38 19.28 -20.52
N PHE B 292 -1.60 19.60 -20.09
CA PHE B 292 -2.75 19.40 -20.97
C PHE B 292 -2.48 20.08 -22.32
N LYS B 293 -2.87 19.40 -23.38
CA LYS B 293 -2.72 19.90 -24.76
C LYS B 293 -3.78 19.14 -25.53
N PHE B 294 -4.37 19.78 -26.54
CA PHE B 294 -5.49 19.19 -27.23
C PHE B 294 -5.40 19.15 -28.74
N TRP B 295 -6.05 18.15 -29.33
CA TRP B 295 -6.11 18.02 -30.78
C TRP B 295 -7.50 17.58 -31.20
N ASP B 296 -7.98 18.13 -32.32
CA ASP B 296 -9.28 17.76 -32.82
C ASP B 296 -9.14 16.86 -34.02
N TYR B 297 -10.10 15.94 -34.18
CA TYR B 297 -10.18 15.09 -35.40
C TYR B 297 -11.56 15.32 -35.92
N ASP B 298 -11.66 15.59 -37.22
CA ASP B 298 -12.96 15.83 -37.84
C ASP B 298 -13.36 14.49 -38.51
N LEU B 299 -14.37 13.85 -37.94
CA LEU B 299 -14.85 12.56 -38.43
C LEU B 299 -15.88 12.73 -39.53
N VAL B 300 -16.20 13.98 -39.88
CA VAL B 300 -17.21 14.25 -40.90
C VAL B 300 -16.63 14.82 -42.18
N ASN B 301 -15.84 15.87 -42.06
CA ASN B 301 -15.27 16.51 -43.25
C ASN B 301 -13.76 16.51 -43.26
N GLY B 302 -13.16 15.53 -42.56
CA GLY B 302 -11.71 15.47 -42.51
C GLY B 302 -11.08 14.48 -43.48
N GLY B 303 -11.88 13.85 -44.33
CA GLY B 303 -11.33 12.88 -45.25
C GLY B 303 -11.44 11.49 -44.64
N ALA B 304 -10.94 10.48 -45.36
CA ALA B 304 -11.01 9.10 -44.89
C ALA B 304 -10.00 8.84 -43.77
N GLU B 305 -8.99 9.70 -43.67
CA GLU B 305 -7.96 9.57 -42.65
C GLU B 305 -7.75 10.90 -41.91
N PRO B 306 -8.72 11.26 -41.05
CA PRO B 306 -8.63 12.52 -40.29
C PRO B 306 -7.31 12.61 -39.50
N GLN B 307 -6.66 13.77 -39.59
CA GLN B 307 -5.41 13.99 -38.89
C GLN B 307 -5.69 14.85 -37.64
N PRO B 308 -4.83 14.75 -36.59
CA PRO B 308 -5.05 15.55 -35.38
C PRO B 308 -4.67 16.99 -35.59
N VAL B 309 -5.60 17.90 -35.31
CA VAL B 309 -5.29 19.32 -35.46
C VAL B 309 -5.25 20.01 -34.10
N GLU B 310 -4.12 20.64 -33.79
CA GLU B 310 -3.99 21.28 -32.51
C GLU B 310 -5.09 22.27 -32.22
N ASN B 311 -5.56 22.24 -30.96
CA ASN B 311 -6.57 23.18 -30.52
C ASN B 311 -5.92 23.93 -29.35
N GLY B 312 -5.60 25.20 -29.56
CA GLY B 312 -4.90 25.95 -28.53
C GLY B 312 -5.68 26.60 -27.41
N LEU B 313 -6.95 26.27 -27.30
CA LEU B 313 -7.78 26.84 -26.23
C LEU B 313 -7.35 26.29 -24.89
N PRO B 314 -7.60 27.05 -23.80
CA PRO B 314 -7.26 26.57 -22.45
C PRO B 314 -8.28 25.46 -22.16
N LEU B 315 -8.03 24.62 -21.15
CA LEU B 315 -8.93 23.53 -20.85
C LEU B 315 -10.43 23.95 -20.75
N GLU B 316 -10.68 25.03 -20.03
CA GLU B 316 -12.07 25.45 -19.90
C GLU B 316 -12.76 25.74 -21.26
N GLY B 317 -12.05 26.45 -22.11
CA GLY B 317 -12.58 26.78 -23.42
C GLY B 317 -12.71 25.55 -24.28
N LEU B 318 -11.78 24.61 -24.11
CA LEU B 318 -11.83 23.40 -24.91
C LEU B 318 -13.09 22.62 -24.52
N LEU B 319 -13.29 22.48 -23.21
CA LEU B 319 -14.46 21.74 -22.73
C LEU B 319 -15.73 22.45 -23.19
N GLN B 320 -15.73 23.77 -23.11
CA GLN B 320 -16.91 24.52 -23.56
C GLN B 320 -17.26 24.28 -25.03
N SER B 321 -16.23 24.06 -25.83
CA SER B 321 -16.42 23.80 -27.26
C SER B 321 -17.08 22.45 -27.50
N ILE B 322 -17.04 21.58 -26.50
CA ILE B 322 -17.68 20.29 -26.64
C ILE B 322 -19.13 20.32 -26.15
N ILE B 323 -19.38 20.95 -24.99
CA ILE B 323 -20.75 20.90 -24.47
C ILE B 323 -21.60 22.13 -24.75
N ASN B 324 -20.97 23.21 -25.18
CA ASN B 324 -21.70 24.44 -25.50
C ASN B 324 -22.47 25.04 -24.33
N LYS B 325 -21.89 24.84 -23.14
CA LYS B 325 -22.37 25.37 -21.88
C LYS B 325 -21.13 25.80 -21.11
N LYS B 326 -21.25 26.72 -20.16
CA LYS B 326 -20.10 27.12 -19.37
C LYS B 326 -19.67 25.95 -18.50
N PRO B 327 -18.42 25.48 -18.64
CA PRO B 327 -18.05 24.33 -17.79
C PRO B 327 -17.67 24.73 -16.36
N VAL B 328 -17.87 23.80 -15.42
CA VAL B 328 -17.49 23.97 -14.01
C VAL B 328 -16.32 22.98 -13.84
N LEU B 329 -15.16 23.48 -13.43
CA LEU B 329 -13.96 22.65 -13.25
C LEU B 329 -13.73 22.54 -11.78
N ILE B 330 -13.76 21.30 -11.27
CA ILE B 330 -13.58 21.06 -9.83
C ILE B 330 -12.17 20.47 -9.64
N PRO B 331 -11.30 21.11 -8.84
CA PRO B 331 -9.95 20.61 -8.63
C PRO B 331 -9.84 19.54 -7.57
N ILE B 332 -8.95 18.60 -7.79
CA ILE B 332 -8.71 17.57 -6.77
C ILE B 332 -8.43 18.28 -5.41
N ALA B 333 -9.08 17.74 -4.38
CA ALA B 333 -8.95 18.22 -3.00
C ALA B 333 -9.55 19.56 -2.71
N GLY B 334 -10.22 20.14 -3.71
CA GLY B 334 -10.93 21.39 -3.46
C GLY B 334 -10.12 22.64 -3.40
N GLU B 335 -10.85 23.75 -3.40
CA GLU B 335 -10.23 25.06 -3.34
C GLU B 335 -9.47 25.20 -2.04
N GLY B 336 -8.28 25.77 -2.10
CA GLY B 336 -7.53 25.97 -0.87
C GLY B 336 -6.66 24.81 -0.45
N ALA B 337 -6.74 23.69 -1.13
CA ALA B 337 -5.90 22.55 -0.74
C ALA B 337 -4.40 22.79 -0.87
N SER B 338 -3.63 22.12 -0.02
CA SER B 338 -2.20 22.23 -0.11
C SER B 338 -1.71 21.36 -1.27
N GLN B 339 -0.50 21.62 -1.73
CA GLN B 339 0.10 20.81 -2.78
C GLN B 339 0.19 19.36 -2.26
N MET B 340 0.51 19.17 -0.98
CA MET B 340 0.57 17.80 -0.44
C MET B 340 -0.77 17.06 -0.56
N GLU B 341 -1.87 17.76 -0.27
CA GLU B 341 -3.19 17.20 -0.37
C GLU B 341 -3.53 16.89 -1.83
N ILE B 342 -3.19 17.80 -2.74
CA ILE B 342 -3.46 17.53 -4.16
C ILE B 342 -2.62 16.33 -4.62
N GLU B 343 -1.34 16.28 -4.25
CA GLU B 343 -0.53 15.16 -4.66
C GLU B 343 -1.07 13.82 -4.10
N ARG B 344 -1.50 13.83 -2.85
CA ARG B 344 -1.98 12.59 -2.23
C ARG B 344 -3.28 12.10 -2.82
N GLU B 345 -4.25 12.99 -2.98
CA GLU B 345 -5.54 12.55 -3.50
C GLU B 345 -5.44 12.32 -5.00
N THR B 346 -4.56 13.05 -5.70
CA THR B 346 -4.40 12.71 -7.13
C THR B 346 -3.78 11.30 -7.23
N HIS B 347 -2.79 11.02 -6.39
CA HIS B 347 -2.13 9.71 -6.40
C HIS B 347 -3.13 8.55 -6.23
N PHE B 348 -4.09 8.72 -5.34
CA PHE B 348 -5.11 7.70 -5.16
C PHE B 348 -6.32 7.84 -6.08
N ASP B 349 -6.03 8.26 -7.32
CA ASP B 349 -7.04 8.30 -8.34
C ASP B 349 -8.29 9.08 -7.96
N GLY B 350 -8.01 10.26 -7.37
CA GLY B 350 -9.06 11.16 -6.93
C GLY B 350 -9.93 11.69 -8.07
N THR B 351 -9.49 11.60 -9.31
CA THR B 351 -10.37 12.09 -10.38
C THR B 351 -11.26 10.97 -10.91
N ASN B 352 -10.96 9.75 -10.48
CA ASN B 352 -11.50 8.55 -11.16
C ASN B 352 -12.83 8.03 -10.69
N TYR B 353 -13.79 8.93 -10.61
CA TYR B 353 -15.16 8.53 -10.18
C TYR B 353 -15.99 7.99 -11.34
N LEU B 354 -16.89 7.05 -11.03
CA LEU B 354 -17.82 6.50 -12.01
C LEU B 354 -19.13 7.30 -11.82
N ALA B 355 -19.66 7.95 -12.86
CA ALA B 355 -20.96 8.63 -12.70
C ALA B 355 -22.04 7.58 -12.97
N ILE B 356 -23.02 7.42 -12.08
CA ILE B 356 -24.05 6.41 -12.32
C ILE B 356 -25.37 7.05 -12.83
N ARG B 357 -25.45 8.37 -12.76
CA ARG B 357 -26.57 9.19 -13.27
C ARG B 357 -25.88 10.56 -13.30
N PRO B 358 -26.44 11.54 -14.00
CA PRO B 358 -25.76 12.83 -14.02
C PRO B 358 -25.59 13.45 -12.61
N GLY B 359 -24.35 13.79 -12.22
CA GLY B 359 -24.17 14.38 -10.91
C GLY B 359 -24.24 13.43 -9.73
N VAL B 360 -24.25 12.12 -9.97
CA VAL B 360 -24.25 11.17 -8.87
C VAL B 360 -23.09 10.22 -9.20
N VAL B 361 -22.13 10.13 -8.29
CA VAL B 361 -20.94 9.34 -8.56
C VAL B 361 -20.58 8.39 -7.45
N ILE B 362 -19.77 7.40 -7.80
CA ILE B 362 -19.30 6.42 -6.83
C ILE B 362 -17.77 6.46 -6.91
N GLY B 363 -17.13 6.36 -5.76
CA GLY B 363 -15.66 6.37 -5.71
C GLY B 363 -15.21 6.09 -4.28
N TYR B 364 -13.91 5.85 -4.07
CA TYR B 364 -13.38 5.56 -2.73
C TYR B 364 -13.64 6.62 -1.69
N SER B 365 -13.91 6.18 -0.47
CA SER B 365 -14.06 7.08 0.65
C SER B 365 -12.76 7.77 1.02
N ARG B 366 -11.61 7.19 0.66
CA ARG B 366 -10.37 7.78 1.18
C ARG B 366 -10.04 9.19 0.75
N ASN B 367 -10.43 9.57 -0.45
CA ASN B 367 -10.14 10.93 -0.93
C ASN B 367 -11.17 11.92 -0.39
N GLU B 368 -11.09 12.13 0.92
CA GLU B 368 -12.10 12.96 1.60
C GLU B 368 -12.21 14.41 1.15
N LYS B 369 -11.09 15.06 0.82
CA LYS B 369 -11.20 16.45 0.40
C LYS B 369 -11.86 16.54 -0.98
N THR B 370 -11.60 15.57 -1.86
CA THR B 370 -12.24 15.60 -3.19
C THR B 370 -13.73 15.24 -3.02
N ASN B 371 -14.04 14.35 -2.09
CA ASN B 371 -15.45 14.04 -1.88
C ASN B 371 -16.20 15.28 -1.42
N ALA B 372 -15.57 16.05 -0.54
CA ALA B 372 -16.22 17.26 -0.06
C ALA B 372 -16.34 18.33 -1.17
N ALA B 373 -15.36 18.36 -2.06
CA ALA B 373 -15.36 19.34 -3.15
C ALA B 373 -16.46 18.99 -4.13
N LEU B 374 -16.67 17.69 -4.37
CA LEU B 374 -17.72 17.27 -5.26
C LEU B 374 -19.06 17.64 -4.67
N GLU B 375 -19.25 17.33 -3.38
CA GLU B 375 -20.52 17.67 -2.74
C GLU B 375 -20.79 19.17 -2.75
N ALA B 376 -19.74 19.99 -2.57
CA ALA B 376 -19.89 21.43 -2.56
C ALA B 376 -20.30 21.95 -3.94
N ALA B 377 -19.90 21.22 -4.99
CA ALA B 377 -20.24 21.56 -6.37
C ALA B 377 -21.62 21.01 -6.75
N GLY B 378 -22.29 20.37 -5.80
CA GLY B 378 -23.61 19.84 -6.07
C GLY B 378 -23.67 18.46 -6.68
N ILE B 379 -22.57 17.71 -6.57
CA ILE B 379 -22.55 16.35 -7.09
C ILE B 379 -22.71 15.44 -5.89
N LYS B 380 -23.63 14.48 -6.00
CA LYS B 380 -23.85 13.53 -4.91
C LYS B 380 -22.79 12.43 -4.97
N VAL B 381 -22.13 12.20 -3.84
CA VAL B 381 -21.11 11.17 -3.76
C VAL B 381 -21.59 9.97 -2.91
N LEU B 382 -21.49 8.78 -3.52
CA LEU B 382 -21.79 7.51 -2.85
C LEU B 382 -20.41 6.85 -2.61
N PRO B 383 -19.79 7.12 -1.46
CA PRO B 383 -18.50 6.48 -1.23
C PRO B 383 -18.55 5.01 -0.79
N PHE B 384 -17.42 4.31 -0.96
CA PHE B 384 -17.32 2.96 -0.44
C PHE B 384 -15.86 2.80 -0.02
N HIS B 385 -15.60 1.91 0.95
CA HIS B 385 -14.22 1.71 1.42
C HIS B 385 -13.50 0.84 0.40
N GLY B 386 -12.39 1.36 -0.13
CA GLY B 386 -11.67 0.66 -1.17
C GLY B 386 -10.16 0.80 -1.04
N ASN B 387 -9.67 0.85 0.19
CA ASN B 387 -8.22 1.08 0.35
C ASN B 387 -7.36 0.02 -0.30
N GLN B 388 -7.73 -1.26 -0.18
CA GLN B 388 -6.89 -2.30 -0.79
C GLN B 388 -6.97 -2.18 -2.31
N LEU B 389 -8.18 -2.08 -2.84
CA LEU B 389 -8.36 -1.97 -4.31
C LEU B 389 -7.56 -0.81 -4.88
N SER B 390 -7.49 0.27 -4.12
CA SER B 390 -6.75 1.49 -4.55
C SER B 390 -5.25 1.28 -4.78
N LEU B 391 -4.66 0.26 -4.15
CA LEU B 391 -3.24 0.01 -4.33
C LEU B 391 -2.95 -0.47 -5.75
N GLY B 392 -3.99 -0.89 -6.48
CA GLY B 392 -3.79 -1.25 -7.88
C GLY B 392 -3.78 -0.04 -8.80
N MET B 393 -3.89 1.18 -8.25
CA MET B 393 -3.83 2.41 -9.01
C MET B 393 -5.00 2.65 -9.96
N GLY B 394 -6.19 2.33 -9.45
CA GLY B 394 -7.40 2.70 -10.18
C GLY B 394 -8.47 2.92 -9.12
N ASN B 395 -9.56 3.64 -9.47
CA ASN B 395 -10.72 3.91 -8.61
C ASN B 395 -11.93 3.25 -9.28
N ALA B 396 -13.14 3.65 -8.87
CA ALA B 396 -14.37 3.03 -9.41
C ALA B 396 -14.49 3.11 -10.94
N ARG B 397 -14.08 4.19 -11.56
CA ARG B 397 -14.21 4.22 -13.03
C ARG B 397 -13.35 3.14 -13.67
N CYS B 398 -12.13 2.99 -13.16
CA CYS B 398 -11.21 1.95 -13.63
C CYS B 398 -11.76 0.55 -13.42
N MET B 399 -12.56 0.35 -12.37
CA MET B 399 -13.15 -0.93 -12.05
C MET B 399 -14.50 -1.22 -12.73
N SER B 400 -14.83 -0.43 -13.73
CA SER B 400 -16.13 -0.63 -14.40
C SER B 400 -16.06 -0.34 -15.89
N MET B 401 -16.96 -0.98 -16.65
CA MET B 401 -17.10 -0.69 -18.05
C MET B 401 -18.60 -0.68 -18.32
N PRO B 402 -19.18 0.50 -18.49
CA PRO B 402 -20.62 0.58 -18.76
C PRO B 402 -20.92 -0.20 -20.05
N LEU B 403 -22.06 -0.91 -20.04
CA LEU B 403 -22.48 -1.66 -21.24
C LEU B 403 -23.69 -0.90 -21.82
N SER B 404 -24.49 -0.27 -20.96
CA SER B 404 -25.62 0.52 -21.44
C SER B 404 -26.00 1.62 -20.45
N ARG B 405 -26.31 2.79 -21.00
CA ARG B 405 -26.71 3.95 -20.21
C ARG B 405 -27.95 4.55 -20.87
N LYS B 406 -28.85 5.08 -20.06
CA LYS B 406 -30.03 5.75 -20.59
C LYS B 406 -29.62 7.06 -21.25
N ASP B 407 -30.42 7.53 -22.20
CA ASP B 407 -30.15 8.80 -22.88
C ASP B 407 -30.10 9.95 -21.89
N VAL B 408 -29.21 10.90 -22.12
CA VAL B 408 -29.10 12.08 -21.27
C VAL B 408 -30.02 13.16 -21.86
N LYS B 409 -30.71 13.89 -20.99
CA LYS B 409 -31.56 14.98 -21.46
C LYS B 409 -30.64 16.21 -21.44
N TRP B 410 -29.97 16.50 -22.56
CA TRP B 410 -29.03 17.61 -22.61
C TRP B 410 -29.70 18.98 -22.51
N ARG C . 9.18 2.65 8.39
CA ARG C . 9.99 2.19 9.56
C ARG C . 11.48 2.32 9.29
O ARG C . 12.25 2.62 10.24
CB ARG C . 9.67 0.73 9.93
CG ARG C . 10.48 0.24 11.13
CD ARG C . 10.10 -1.18 11.52
NE ARG C . 10.81 -1.56 12.75
CZ ARG C . 10.47 -2.68 13.55
NH1 ARG C . 11.04 -2.82 14.79
OXT ARG C . 11.86 2.14 8.11
C TRS D . -0.09 -11.31 2.46
C1 TRS D . -0.21 -10.13 1.56
C2 TRS D . -1.14 -12.24 1.86
C3 TRS D . -0.47 -11.20 3.73
N TRS D . 1.25 -11.76 2.37
O1 TRS D . -1.47 -9.69 1.72
O2 TRS D . -0.47 -13.07 1.53
O3 TRS D . 0.12 -10.30 4.31
UNK UNX E . -8.45 -2.88 5.39
UNK UNX F . -9.87 -1.08 6.15
UNK UNX G . -10.49 -0.51 7.02
UNK UNX H . -6.70 -1.12 5.47
N ARG I . -2.94 -1.49 -12.38
CA ARG I . -3.73 -1.02 -13.55
C ARG I . -2.81 -0.69 -14.71
O ARG I . -3.21 -0.92 -15.87
CB ARG I . -4.55 0.22 -13.18
CG ARG I . -5.38 0.75 -14.34
CD ARG I . -6.26 1.90 -13.92
NE ARG I . -7.17 2.24 -15.02
CZ ARG I . -8.08 3.18 -14.79
NH1 ARG I . -9.01 3.25 -15.84
OXT ARG I . -1.69 -0.21 -14.45
C TRS J . -5.23 10.40 0.65
C1 TRS J . -4.09 9.45 1.13
C2 TRS J . -5.41 11.14 1.92
C3 TRS J . -6.51 9.88 0.55
N TRS J . -4.99 11.21 -0.56
O1 TRS J . -4.55 8.53 2.03
O2 TRS J . -4.90 12.15 1.90
O3 TRS J . -6.43 9.03 -0.47
UNK UNX K . -7.83 -1.66 3.52
UNK UNX L . -7.98 -1.55 4.79
UNK UNX M . -9.75 -2.54 6.09
UNK UNX N . -10.79 -3.36 5.89
UNK UNX O . -9.03 -0.40 5.13
#